data_1II2
#
_entry.id   1II2
#
_cell.length_a   65.977
_cell.length_b   107.615
_cell.length_c   179.081
_cell.angle_alpha   90.00
_cell.angle_beta   90.00
_cell.angle_gamma   90.00
#
_symmetry.space_group_name_H-M   'P 21 21 21'
#
loop_
_entity.id
_entity.type
_entity.pdbx_description
1 polymer 'PHOSPHOENOLPYRUVATE CARBOXYKINASE'
2 non-polymer 'SULFATE ION'
3 water water
#
_entity_poly.entity_id   1
_entity_poly.type   'polypeptide(L)'
_entity_poly.pdbx_seq_one_letter_code
;PPTIHRNLLSPELVQWALKIEKDSRLTARGALAVMSYAKTGRSPLDKRIVDTDDVRENVDWGKVNMKLSEESFARVRKIA
KEFLDTREHLFVVDCFAGHDERYRLKVRVFTTRPYHALFMRDMLIVPTPEELATFGEPDYVIYNAGECKADPSIPGLTST
TCVALNFKTREQVILGTEYAGEMKKGILTVMFELMPQMNHLCMHASANVGKQGDVTVFFGLSGTGKTTLSADPHRNLIGD
DEHVWTDRGVFNIEGGCYAKAIGLNPKTEKDIYDAVRFGAVAENCVLDKRTGEIDFYDESICKNTRVAYPLSHIEGALSK
AIAGHPKNVIFLTNDAFGVMPPVARLTSAQAMFWFVMGYTANVPGVEAGGTRTARPIFSSCFGGPFLVRHATFYGEQLAE
KMQKHNSRVWLLNTGYAGGRADRGAKRMPLRVTRAIIDAIHDGTLDRTEYEEYPGWGLHIPKYVAKVPEHLLNPRKAWKD
VRQFNETSKELVAMFQESFSARFAAKASQEMKSAVPRYVEFARL
;
_entity_poly.pdbx_strand_id   A,B
#
# COMPACT_ATOMS: atom_id res chain seq x y z
N PRO A 1 8.04 -35.11 -11.65
CA PRO A 1 8.49 -35.12 -10.25
C PRO A 1 8.10 -33.87 -9.47
N PRO A 2 8.32 -32.67 -10.03
CA PRO A 2 7.96 -31.45 -9.31
C PRO A 2 6.51 -31.04 -9.46
N THR A 3 5.99 -30.35 -8.45
CA THR A 3 4.63 -29.84 -8.50
C THR A 3 4.77 -28.56 -9.32
N ILE A 4 4.09 -28.50 -10.45
CA ILE A 4 4.19 -27.33 -11.32
C ILE A 4 3.09 -26.32 -11.08
N HIS A 5 3.51 -25.08 -10.82
CA HIS A 5 2.59 -23.98 -10.55
C HIS A 5 2.61 -23.03 -11.73
N ARG A 6 1.50 -22.97 -12.45
CA ARG A 6 1.42 -22.14 -13.63
C ARG A 6 0.60 -20.86 -13.48
N ASN A 7 1.22 -19.74 -13.83
CA ASN A 7 0.59 -18.43 -13.80
C ASN A 7 -0.17 -18.11 -12.52
N LEU A 8 0.52 -18.20 -11.38
CA LEU A 8 -0.09 -17.92 -10.10
C LEU A 8 -0.30 -16.41 -9.92
N LEU A 9 -1.20 -16.05 -9.03
CA LEU A 9 -1.47 -14.66 -8.72
C LEU A 9 -0.33 -14.15 -7.85
N SER A 10 -0.15 -12.83 -7.79
CA SER A 10 0.92 -12.27 -6.98
C SER A 10 0.87 -12.71 -5.52
N PRO A 11 -0.31 -12.65 -4.88
CA PRO A 11 -0.34 -13.09 -3.49
C PRO A 11 0.07 -14.55 -3.31
N GLU A 12 -0.25 -15.38 -4.29
CA GLU A 12 0.11 -16.79 -4.22
C GLU A 12 1.63 -16.95 -4.29
N LEU A 13 2.26 -16.19 -5.19
CA LEU A 13 3.71 -16.26 -5.35
C LEU A 13 4.43 -15.75 -4.10
N VAL A 14 3.89 -14.70 -3.50
CA VAL A 14 4.49 -14.16 -2.29
C VAL A 14 4.41 -15.22 -1.19
N GLN A 15 3.28 -15.90 -1.10
CA GLN A 15 3.11 -16.94 -0.09
C GLN A 15 4.14 -18.05 -0.32
N TRP A 16 4.33 -18.44 -1.57
CA TRP A 16 5.31 -19.48 -1.89
C TRP A 16 6.73 -19.04 -1.56
N ALA A 17 7.06 -17.79 -1.88
CA ALA A 17 8.40 -17.28 -1.60
C ALA A 17 8.67 -17.33 -0.10
N LEU A 18 7.68 -16.93 0.70
CA LEU A 18 7.84 -16.92 2.16
C LEU A 18 8.01 -18.32 2.71
N LYS A 19 7.33 -19.28 2.10
CA LYS A 19 7.39 -20.66 2.56
C LYS A 19 8.70 -21.38 2.23
N ILE A 20 9.16 -21.28 0.99
CA ILE A 20 10.38 -21.99 0.63
C ILE A 20 11.68 -21.20 0.55
N GLU A 21 11.58 -19.87 0.46
CA GLU A 21 12.78 -19.03 0.42
C GLU A 21 13.11 -18.62 1.85
N LYS A 22 14.10 -19.29 2.43
CA LYS A 22 14.53 -19.07 3.81
C LYS A 22 14.76 -17.63 4.26
N ASP A 23 15.48 -16.85 3.46
CA ASP A 23 15.77 -15.48 3.85
C ASP A 23 14.79 -14.42 3.33
N SER A 24 13.69 -14.85 2.74
CA SER A 24 12.73 -13.89 2.22
C SER A 24 11.74 -13.45 3.30
N ARG A 25 11.32 -12.20 3.22
CA ARG A 25 10.38 -11.66 4.18
C ARG A 25 9.60 -10.49 3.58
N LEU A 26 8.68 -9.93 4.34
CA LEU A 26 7.89 -8.80 3.86
C LEU A 26 8.35 -7.50 4.49
N THR A 27 8.26 -6.41 3.72
CA THR A 27 8.66 -5.10 4.23
C THR A 27 7.45 -4.48 4.91
N ALA A 28 7.68 -3.39 5.64
CA ALA A 28 6.62 -2.70 6.34
C ALA A 28 5.45 -2.38 5.41
N ARG A 29 5.72 -2.30 4.12
CA ARG A 29 4.66 -1.99 3.17
C ARG A 29 4.18 -3.16 2.32
N GLY A 30 4.71 -4.35 2.60
CA GLY A 30 4.26 -5.52 1.85
C GLY A 30 5.06 -5.98 0.65
N ALA A 31 6.20 -5.35 0.40
CA ALA A 31 7.04 -5.74 -0.72
C ALA A 31 7.77 -7.02 -0.29
N LEU A 32 8.03 -7.90 -1.25
CA LEU A 32 8.73 -9.15 -0.95
C LEU A 32 10.23 -8.88 -1.01
N ALA A 33 10.88 -8.91 0.15
CA ALA A 33 12.30 -8.65 0.26
C ALA A 33 13.09 -9.95 0.23
N VAL A 34 13.98 -10.08 -0.74
CA VAL A 34 14.77 -11.28 -0.92
C VAL A 34 16.25 -10.99 -1.15
N MET A 35 17.03 -12.06 -1.23
CA MET A 35 18.46 -11.99 -1.48
C MET A 35 18.75 -12.89 -2.67
N SER A 36 19.69 -12.48 -3.53
CA SER A 36 20.05 -13.29 -4.69
C SER A 36 21.36 -14.02 -4.39
N TYR A 37 21.89 -13.78 -3.20
CA TYR A 37 23.10 -14.40 -2.72
C TYR A 37 24.41 -14.05 -3.43
N ALA A 38 25.18 -15.06 -3.84
CA ALA A 38 26.47 -14.83 -4.49
C ALA A 38 26.51 -13.74 -5.55
N LYS A 39 25.59 -13.81 -6.51
CA LYS A 39 25.55 -12.82 -7.57
C LYS A 39 24.50 -11.77 -7.28
N THR A 40 24.94 -10.51 -7.21
CA THR A 40 24.04 -9.40 -6.93
C THR A 40 24.07 -8.43 -8.11
N GLY A 41 24.50 -8.96 -9.26
CA GLY A 41 24.58 -8.17 -10.46
C GLY A 41 24.75 -9.10 -11.63
N ARG A 42 24.81 -8.57 -12.86
CA ARG A 42 24.97 -9.39 -14.04
C ARG A 42 26.38 -9.95 -14.11
N SER A 43 26.55 -11.03 -14.87
CA SER A 43 27.84 -11.66 -15.07
C SER A 43 28.12 -11.58 -16.57
N PRO A 44 28.50 -10.39 -17.07
CA PRO A 44 28.76 -10.26 -18.50
C PRO A 44 29.82 -11.23 -19.03
N LEU A 45 30.82 -11.52 -18.21
CA LEU A 45 31.88 -12.44 -18.62
C LEU A 45 31.34 -13.84 -18.89
N ASP A 46 30.21 -14.18 -18.28
CA ASP A 46 29.61 -15.50 -18.46
C ASP A 46 28.45 -15.52 -19.44
N LYS A 47 28.20 -14.39 -20.08
CA LYS A 47 27.13 -14.29 -21.06
C LYS A 47 27.59 -14.91 -22.38
N ARG A 48 26.70 -15.64 -23.03
CA ARG A 48 27.02 -16.29 -24.30
C ARG A 48 25.85 -16.25 -25.28
N ILE A 49 26.17 -16.21 -26.55
CA ILE A 49 25.16 -16.25 -27.61
C ILE A 49 25.56 -17.48 -28.42
N VAL A 50 24.63 -18.41 -28.60
CA VAL A 50 24.96 -19.63 -29.34
C VAL A 50 25.36 -19.32 -30.76
N ASP A 51 26.40 -20.01 -31.22
CA ASP A 51 26.93 -19.81 -32.56
C ASP A 51 26.09 -20.54 -33.61
N THR A 52 24.89 -20.02 -33.86
CA THR A 52 23.98 -20.60 -34.83
C THR A 52 24.06 -19.86 -36.16
N ASP A 53 23.91 -20.59 -37.26
CA ASP A 53 24.00 -20.01 -38.61
C ASP A 53 23.09 -18.82 -38.85
N ASP A 54 21.86 -18.89 -38.32
CA ASP A 54 20.88 -17.82 -38.52
C ASP A 54 21.27 -16.42 -38.02
N VAL A 55 22.23 -16.33 -37.10
CA VAL A 55 22.63 -15.02 -36.58
C VAL A 55 24.13 -14.74 -36.61
N ARG A 56 24.93 -15.79 -36.73
CA ARG A 56 26.39 -15.68 -36.73
C ARG A 56 27.00 -14.52 -37.52
N GLU A 57 26.46 -14.27 -38.70
CA GLU A 57 26.99 -13.21 -39.57
C GLU A 57 26.64 -11.80 -39.12
N ASN A 58 25.59 -11.66 -38.30
CA ASN A 58 25.16 -10.34 -37.84
C ASN A 58 25.64 -9.98 -36.44
N VAL A 59 25.91 -10.98 -35.62
CA VAL A 59 26.36 -10.71 -34.25
C VAL A 59 27.74 -10.05 -34.22
N ASP A 60 27.85 -8.98 -33.44
CA ASP A 60 29.11 -8.27 -33.28
C ASP A 60 29.91 -9.03 -32.22
N TRP A 61 30.56 -10.11 -32.63
CA TRP A 61 31.34 -10.93 -31.73
C TRP A 61 32.53 -10.15 -31.16
N GLY A 62 32.77 -10.32 -29.87
CA GLY A 62 33.85 -9.62 -29.22
C GLY A 62 33.87 -9.84 -27.72
N LYS A 63 34.14 -8.78 -26.96
CA LYS A 63 34.20 -8.89 -25.52
C LYS A 63 32.82 -8.97 -24.86
N VAL A 64 31.79 -8.57 -25.58
CA VAL A 64 30.43 -8.61 -25.05
C VAL A 64 29.70 -9.85 -25.55
N ASN A 65 29.72 -10.06 -26.86
CA ASN A 65 29.07 -11.22 -27.46
C ASN A 65 30.13 -12.31 -27.71
N MET A 66 29.99 -13.41 -26.99
CA MET A 66 30.94 -14.52 -27.09
C MET A 66 30.23 -15.80 -27.45
N LYS A 67 30.73 -16.46 -28.49
CA LYS A 67 30.15 -17.70 -28.98
C LYS A 67 30.13 -18.87 -28.00
N LEU A 68 29.11 -19.71 -28.14
CA LEU A 68 28.97 -20.92 -27.37
C LEU A 68 28.49 -21.91 -28.42
N SER A 69 29.17 -23.06 -28.53
CA SER A 69 28.81 -24.05 -29.53
C SER A 69 27.41 -24.59 -29.27
N GLU A 70 26.74 -25.02 -30.33
CA GLU A 70 25.40 -25.58 -30.17
C GLU A 70 25.44 -26.79 -29.24
N GLU A 71 26.52 -27.55 -29.31
CA GLU A 71 26.66 -28.73 -28.48
C GLU A 71 26.77 -28.34 -27.01
N SER A 72 27.56 -27.32 -26.71
CA SER A 72 27.72 -26.87 -25.34
C SER A 72 26.43 -26.25 -24.80
N PHE A 73 25.64 -25.65 -25.68
CA PHE A 73 24.38 -25.07 -25.24
C PHE A 73 23.46 -26.22 -24.82
N ALA A 74 23.55 -27.32 -25.55
CA ALA A 74 22.75 -28.49 -25.26
C ALA A 74 23.14 -29.04 -23.90
N ARG A 75 24.43 -28.93 -23.58
CA ARG A 75 24.93 -29.41 -22.30
C ARG A 75 24.37 -28.59 -21.12
N VAL A 76 24.48 -27.26 -21.21
CA VAL A 76 23.96 -26.43 -20.13
C VAL A 76 22.44 -26.53 -20.06
N ARG A 77 21.79 -26.66 -21.21
CA ARG A 77 20.34 -26.78 -21.24
C ARG A 77 19.90 -28.06 -20.54
N LYS A 78 20.68 -29.13 -20.71
CA LYS A 78 20.35 -30.41 -20.09
C LYS A 78 20.48 -30.27 -18.58
N ILE A 79 21.57 -29.66 -18.15
CA ILE A 79 21.81 -29.44 -16.73
C ILE A 79 20.66 -28.63 -16.14
N ALA A 80 20.23 -27.60 -16.87
CA ALA A 80 19.15 -26.74 -16.42
C ALA A 80 17.83 -27.48 -16.30
N LYS A 81 17.38 -28.09 -17.39
CA LYS A 81 16.12 -28.81 -17.39
C LYS A 81 16.11 -29.95 -16.36
N GLU A 82 17.25 -30.60 -16.19
CA GLU A 82 17.37 -31.68 -15.23
C GLU A 82 17.13 -31.14 -13.83
N PHE A 83 17.75 -30.01 -13.52
CA PHE A 83 17.60 -29.36 -12.21
C PHE A 83 16.14 -28.96 -11.98
N LEU A 84 15.56 -28.29 -12.97
CA LEU A 84 14.18 -27.84 -12.88
C LEU A 84 13.22 -29.01 -12.66
N ASP A 85 13.45 -30.11 -13.37
CA ASP A 85 12.59 -31.27 -13.26
C ASP A 85 12.74 -32.07 -11.95
N THR A 86 13.80 -31.81 -11.20
CA THR A 86 14.01 -32.54 -9.96
C THR A 86 13.70 -31.72 -8.70
N ARG A 87 13.15 -30.52 -8.88
CA ARG A 87 12.80 -29.68 -7.74
C ARG A 87 11.44 -30.11 -7.20
N GLU A 88 11.15 -29.79 -5.95
CA GLU A 88 9.86 -30.14 -5.37
C GLU A 88 8.80 -29.25 -5.99
N HIS A 89 9.17 -28.02 -6.31
CA HIS A 89 8.25 -27.06 -6.89
C HIS A 89 8.84 -26.34 -8.09
N LEU A 90 8.03 -26.16 -9.11
CA LEU A 90 8.46 -25.47 -10.32
C LEU A 90 7.42 -24.39 -10.58
N PHE A 91 7.88 -23.20 -10.95
CA PHE A 91 6.99 -22.08 -11.23
C PHE A 91 7.07 -21.65 -12.68
N VAL A 92 5.91 -21.50 -13.30
CA VAL A 92 5.84 -21.10 -14.69
C VAL A 92 5.12 -19.78 -14.84
N VAL A 93 5.70 -18.88 -15.63
CA VAL A 93 5.09 -17.59 -15.89
C VAL A 93 5.00 -17.34 -17.39
N ASP A 94 3.77 -17.26 -17.89
CA ASP A 94 3.57 -16.98 -19.31
C ASP A 94 3.31 -15.49 -19.39
N CYS A 95 3.97 -14.81 -20.32
CA CYS A 95 3.79 -13.36 -20.45
C CYS A 95 4.18 -12.85 -21.83
N PHE A 96 4.01 -11.54 -22.01
CA PHE A 96 4.34 -10.88 -23.26
C PHE A 96 5.47 -9.88 -23.06
N ALA A 97 6.27 -9.69 -24.10
CA ALA A 97 7.35 -8.71 -24.08
C ALA A 97 7.00 -7.81 -25.24
N GLY A 98 6.71 -6.54 -24.94
CA GLY A 98 6.35 -5.59 -25.99
C GLY A 98 4.88 -5.23 -25.91
N HIS A 99 4.59 -3.94 -25.83
CA HIS A 99 3.21 -3.46 -25.75
C HIS A 99 2.59 -3.31 -27.13
N ASP A 100 3.41 -3.36 -28.17
CA ASP A 100 2.92 -3.25 -29.55
C ASP A 100 2.59 -4.68 -29.96
N GLU A 101 1.30 -4.98 -30.05
CA GLU A 101 0.87 -6.34 -30.39
C GLU A 101 1.40 -6.95 -31.67
N ARG A 102 1.82 -6.14 -32.63
CA ARG A 102 2.34 -6.71 -33.87
C ARG A 102 3.79 -7.14 -33.75
N TYR A 103 4.41 -6.82 -32.61
CA TYR A 103 5.80 -7.17 -32.40
C TYR A 103 6.07 -7.88 -31.07
N ARG A 104 5.05 -8.02 -30.24
CA ARG A 104 5.24 -8.66 -28.95
C ARG A 104 5.61 -10.14 -29.03
N LEU A 105 6.38 -10.59 -28.05
CA LEU A 105 6.83 -11.96 -27.98
C LEU A 105 6.15 -12.67 -26.83
N LYS A 106 5.76 -13.92 -27.06
CA LYS A 106 5.14 -14.72 -26.03
C LYS A 106 6.32 -15.36 -25.31
N VAL A 107 6.44 -15.08 -24.02
CA VAL A 107 7.54 -15.62 -23.25
C VAL A 107 7.08 -16.52 -22.12
N ARG A 108 7.71 -17.69 -22.00
CA ARG A 108 7.41 -18.61 -20.92
C ARG A 108 8.66 -18.70 -20.05
N VAL A 109 8.49 -18.46 -18.76
CA VAL A 109 9.61 -18.49 -17.84
C VAL A 109 9.44 -19.61 -16.83
N PHE A 110 10.49 -20.43 -16.68
CA PHE A 110 10.52 -21.52 -15.73
C PHE A 110 11.47 -21.09 -14.61
N THR A 111 11.01 -21.13 -13.36
CA THR A 111 11.88 -20.74 -12.26
C THR A 111 11.70 -21.69 -11.08
N THR A 112 12.71 -21.74 -10.22
CA THR A 112 12.67 -22.57 -9.02
C THR A 112 12.37 -21.65 -7.83
N ARG A 113 12.78 -20.39 -7.94
CA ARG A 113 12.53 -19.42 -6.88
C ARG A 113 11.24 -18.65 -7.16
N PRO A 114 10.31 -18.65 -6.19
CA PRO A 114 9.04 -17.94 -6.37
C PRO A 114 9.22 -16.45 -6.68
N TYR A 115 10.21 -15.81 -6.08
CA TYR A 115 10.40 -14.39 -6.34
C TYR A 115 10.80 -14.10 -7.79
N HIS A 116 11.49 -15.04 -8.42
CA HIS A 116 11.88 -14.86 -9.82
C HIS A 116 10.61 -14.89 -10.67
N ALA A 117 9.63 -15.68 -10.22
CA ALA A 117 8.37 -15.77 -10.95
C ALA A 117 7.59 -14.46 -10.77
N LEU A 118 7.52 -14.00 -9.52
CA LEU A 118 6.82 -12.75 -9.22
C LEU A 118 7.52 -11.63 -9.98
N PHE A 119 8.84 -11.69 -10.02
CA PHE A 119 9.65 -10.70 -10.71
C PHE A 119 9.22 -10.60 -12.18
N MET A 120 9.11 -11.74 -12.86
CA MET A 120 8.73 -11.72 -14.26
C MET A 120 7.25 -11.40 -14.47
N ARG A 121 6.43 -11.68 -13.46
CA ARG A 121 5.00 -11.37 -13.55
C ARG A 121 4.91 -9.84 -13.55
N ASP A 122 5.75 -9.22 -12.73
CA ASP A 122 5.80 -7.75 -12.61
C ASP A 122 6.52 -7.09 -13.77
N MET A 123 7.65 -7.67 -14.17
CA MET A 123 8.50 -7.09 -15.22
C MET A 123 8.06 -7.23 -16.68
N LEU A 124 7.23 -8.21 -16.99
CA LEU A 124 6.75 -8.35 -18.35
C LEU A 124 5.24 -8.15 -18.33
N ILE A 125 4.59 -8.29 -19.48
CA ILE A 125 3.16 -8.07 -19.58
C ILE A 125 2.30 -9.28 -19.27
N VAL A 126 1.40 -9.14 -18.29
CA VAL A 126 0.50 -10.21 -17.90
C VAL A 126 -0.61 -10.37 -18.93
N PRO A 127 -0.75 -11.57 -19.50
CA PRO A 127 -1.80 -11.81 -20.50
C PRO A 127 -3.17 -11.86 -19.85
N THR A 128 -4.21 -11.59 -20.64
CA THR A 128 -5.57 -11.65 -20.13
C THR A 128 -5.85 -13.15 -20.00
N PRO A 129 -6.83 -13.54 -19.16
CA PRO A 129 -7.15 -14.96 -18.99
C PRO A 129 -7.41 -15.63 -20.34
N GLU A 130 -8.05 -14.89 -21.23
CA GLU A 130 -8.37 -15.39 -22.57
C GLU A 130 -7.09 -15.70 -23.33
N GLU A 131 -6.14 -14.77 -23.28
CA GLU A 131 -4.87 -14.95 -23.97
C GLU A 131 -4.08 -16.12 -23.42
N LEU A 132 -4.19 -16.36 -22.12
CA LEU A 132 -3.48 -17.48 -21.51
C LEU A 132 -4.06 -18.80 -22.01
N ALA A 133 -5.38 -18.85 -22.13
CA ALA A 133 -6.06 -20.06 -22.60
C ALA A 133 -5.65 -20.38 -24.03
N THR A 134 -5.39 -19.34 -24.81
CA THR A 134 -4.96 -19.53 -26.20
C THR A 134 -3.51 -19.13 -26.37
N PHE A 135 -2.75 -19.19 -25.29
CA PHE A 135 -1.33 -18.83 -25.32
C PHE A 135 -0.56 -19.72 -26.29
N GLY A 136 -0.92 -21.00 -26.34
CA GLY A 136 -0.25 -21.92 -27.23
C GLY A 136 1.23 -22.08 -26.96
N GLU A 137 2.03 -22.16 -28.03
CA GLU A 137 3.46 -22.32 -27.89
C GLU A 137 4.15 -20.96 -27.76
N PRO A 138 4.98 -20.79 -26.72
CA PRO A 138 5.67 -19.52 -26.52
C PRO A 138 6.73 -19.29 -27.60
N ASP A 139 7.02 -18.02 -27.90
CA ASP A 139 8.04 -17.70 -28.88
C ASP A 139 9.43 -17.91 -28.30
N TYR A 140 9.56 -17.65 -27.01
CA TYR A 140 10.83 -17.79 -26.31
C TYR A 140 10.63 -18.42 -24.95
N VAL A 141 11.62 -19.19 -24.52
CA VAL A 141 11.54 -19.85 -23.22
C VAL A 141 12.78 -19.57 -22.40
N ILE A 142 12.57 -19.23 -21.14
CA ILE A 142 13.68 -18.97 -20.24
C ILE A 142 13.71 -20.07 -19.20
N TYR A 143 14.83 -20.79 -19.12
CA TYR A 143 15.00 -21.85 -18.13
C TYR A 143 15.89 -21.27 -17.05
N ASN A 144 15.28 -20.76 -15.98
CA ASN A 144 16.08 -20.18 -14.91
C ASN A 144 16.48 -21.21 -13.88
N ALA A 145 17.60 -21.87 -14.13
CA ALA A 145 18.13 -22.87 -13.21
C ALA A 145 19.29 -22.19 -12.49
N GLY A 146 19.14 -20.89 -12.28
CA GLY A 146 20.16 -20.10 -11.62
C GLY A 146 20.65 -20.62 -10.29
N GLU A 147 19.80 -21.34 -9.55
CA GLU A 147 20.21 -21.88 -8.26
C GLU A 147 21.15 -23.07 -8.43
N CYS A 148 21.31 -23.53 -9.67
CA CYS A 148 22.17 -24.67 -9.95
C CYS A 148 23.45 -24.26 -10.68
N LYS A 149 24.59 -24.79 -10.21
CA LYS A 149 25.88 -24.47 -10.82
C LYS A 149 26.04 -25.14 -12.18
N ALA A 150 26.80 -24.51 -13.06
CA ALA A 150 27.04 -25.10 -14.38
C ALA A 150 28.33 -25.89 -14.24
N ASP A 151 28.58 -26.79 -15.19
CA ASP A 151 29.81 -27.57 -15.19
C ASP A 151 30.84 -26.67 -15.87
N PRO A 152 31.76 -26.09 -15.09
CA PRO A 152 32.79 -25.21 -15.67
C PRO A 152 33.69 -25.84 -16.71
N SER A 153 33.78 -27.18 -16.72
CA SER A 153 34.63 -27.85 -17.68
C SER A 153 33.99 -27.87 -19.06
N ILE A 154 32.71 -27.53 -19.13
CA ILE A 154 32.02 -27.49 -20.41
C ILE A 154 32.75 -26.53 -21.35
N PRO A 155 33.09 -27.00 -22.56
CA PRO A 155 33.79 -26.15 -23.53
C PRO A 155 33.04 -24.85 -23.81
N GLY A 156 33.72 -23.72 -23.62
CA GLY A 156 33.10 -22.44 -23.86
C GLY A 156 32.83 -21.68 -22.57
N LEU A 157 32.71 -22.40 -21.46
CA LEU A 157 32.46 -21.76 -20.18
C LEU A 157 33.76 -21.47 -19.45
N THR A 158 33.71 -20.50 -18.53
CA THR A 158 34.89 -20.14 -17.76
C THR A 158 34.60 -20.11 -16.27
N SER A 159 33.39 -20.52 -15.90
CA SER A 159 33.01 -20.54 -14.49
C SER A 159 31.75 -21.39 -14.31
N THR A 160 31.24 -21.43 -13.09
CA THR A 160 30.04 -22.19 -12.79
C THR A 160 28.78 -21.38 -13.13
N THR A 161 28.99 -20.21 -13.73
CA THR A 161 27.88 -19.33 -14.12
C THR A 161 27.76 -19.32 -15.64
N CYS A 162 26.53 -19.39 -16.14
CA CYS A 162 26.31 -19.36 -17.58
C CYS A 162 24.94 -18.79 -17.92
N VAL A 163 24.95 -17.72 -18.73
CA VAL A 163 23.71 -17.09 -19.17
C VAL A 163 23.81 -17.13 -20.70
N ALA A 164 23.22 -18.16 -21.28
CA ALA A 164 23.29 -18.36 -22.72
C ALA A 164 21.97 -18.15 -23.47
N LEU A 165 22.06 -17.51 -24.62
CA LEU A 165 20.89 -17.25 -25.44
C LEU A 165 21.06 -17.92 -26.81
N ASN A 166 20.07 -18.72 -27.18
CA ASN A 166 20.08 -19.43 -28.46
C ASN A 166 18.94 -18.89 -29.31
N PHE A 167 19.27 -18.10 -30.32
CA PHE A 167 18.27 -17.50 -31.21
C PHE A 167 17.60 -18.51 -32.13
N LYS A 168 18.27 -19.62 -32.38
CA LYS A 168 17.73 -20.67 -33.24
C LYS A 168 16.59 -21.41 -32.56
N THR A 169 16.85 -21.90 -31.36
CA THR A 169 15.84 -22.64 -30.60
C THR A 169 14.99 -21.69 -29.75
N ARG A 170 15.40 -20.42 -29.72
CA ARG A 170 14.70 -19.38 -28.97
C ARG A 170 14.56 -19.76 -27.50
N GLU A 171 15.71 -19.91 -26.84
CA GLU A 171 15.77 -20.28 -25.45
C GLU A 171 16.90 -19.58 -24.72
N GLN A 172 16.71 -19.33 -23.44
CA GLN A 172 17.75 -18.73 -22.63
C GLN A 172 17.97 -19.69 -21.48
N VAL A 173 19.23 -20.00 -21.20
CA VAL A 173 19.54 -20.89 -20.10
C VAL A 173 20.33 -20.10 -19.08
N ILE A 174 19.91 -20.18 -17.83
CA ILE A 174 20.57 -19.48 -16.74
C ILE A 174 21.04 -20.50 -15.71
N LEU A 175 22.33 -20.44 -15.38
CA LEU A 175 22.94 -21.32 -14.40
C LEU A 175 23.95 -20.52 -13.60
N GLY A 176 24.05 -20.80 -12.31
CA GLY A 176 25.02 -20.14 -11.47
C GLY A 176 24.84 -18.68 -11.11
N THR A 177 23.59 -18.22 -11.05
CA THR A 177 23.29 -16.85 -10.69
C THR A 177 21.81 -16.68 -10.44
N GLU A 178 21.48 -16.08 -9.29
CA GLU A 178 20.10 -15.86 -8.93
C GLU A 178 19.71 -14.38 -9.05
N TYR A 179 20.55 -13.61 -9.72
CA TYR A 179 20.28 -12.19 -9.96
C TYR A 179 19.17 -12.13 -11.01
N ALA A 180 18.04 -11.55 -10.63
CA ALA A 180 16.88 -11.45 -11.50
C ALA A 180 17.11 -10.70 -12.81
N GLY A 181 17.98 -9.69 -12.78
CA GLY A 181 18.24 -8.91 -13.98
C GLY A 181 18.70 -9.73 -15.18
N GLU A 182 19.27 -10.91 -14.94
CA GLU A 182 19.73 -11.74 -16.04
C GLU A 182 18.59 -12.12 -16.97
N MET A 183 17.40 -12.37 -16.40
CA MET A 183 16.23 -12.72 -17.21
C MET A 183 15.77 -11.51 -18.03
N LYS A 184 15.62 -10.39 -17.34
CA LYS A 184 15.18 -9.14 -17.95
C LYS A 184 16.09 -8.72 -19.10
N LYS A 185 17.39 -8.69 -18.84
CA LYS A 185 18.34 -8.27 -19.86
C LYS A 185 18.50 -9.30 -20.97
N GLY A 186 18.05 -10.52 -20.72
CA GLY A 186 18.12 -11.55 -21.76
C GLY A 186 17.08 -11.20 -22.82
N ILE A 187 15.90 -10.81 -22.38
CA ILE A 187 14.82 -10.44 -23.29
C ILE A 187 15.21 -9.18 -24.04
N LEU A 188 15.91 -8.27 -23.35
CA LEU A 188 16.35 -7.05 -24.00
C LEU A 188 17.32 -7.40 -25.14
N THR A 189 18.24 -8.32 -24.86
CA THR A 189 19.22 -8.75 -25.84
C THR A 189 18.50 -9.34 -27.05
N VAL A 190 17.46 -10.14 -26.79
CA VAL A 190 16.69 -10.74 -27.88
C VAL A 190 16.09 -9.61 -28.73
N MET A 191 15.52 -8.60 -28.08
CA MET A 191 14.94 -7.49 -28.82
C MET A 191 15.99 -6.71 -29.62
N PHE A 192 17.22 -6.66 -29.11
CA PHE A 192 18.30 -5.97 -29.81
C PHE A 192 18.75 -6.69 -31.10
N GLU A 193 18.16 -7.85 -31.36
CA GLU A 193 18.46 -8.60 -32.57
C GLU A 193 17.20 -8.72 -33.42
N LEU A 194 16.08 -9.06 -32.78
CA LEU A 194 14.81 -9.19 -33.50
C LEU A 194 14.35 -7.87 -34.09
N MET A 195 14.52 -6.76 -33.37
CA MET A 195 14.08 -5.48 -33.91
C MET A 195 14.92 -5.10 -35.14
N PRO A 196 16.25 -5.30 -35.08
CA PRO A 196 17.07 -4.96 -36.24
C PRO A 196 16.55 -5.72 -37.47
N GLN A 197 16.14 -6.97 -37.27
CA GLN A 197 15.62 -7.78 -38.36
C GLN A 197 14.40 -7.15 -39.03
N MET A 198 13.64 -6.37 -38.26
CA MET A 198 12.46 -5.70 -38.81
C MET A 198 12.76 -4.21 -38.98
N ASN A 199 14.05 -3.90 -38.88
CA ASN A 199 14.56 -2.54 -39.00
C ASN A 199 13.91 -1.52 -38.06
N HIS A 200 13.59 -1.98 -36.86
CA HIS A 200 13.04 -1.08 -35.85
C HIS A 200 14.19 -0.85 -34.90
N LEU A 201 14.20 0.30 -34.23
CA LEU A 201 15.29 0.63 -33.32
C LEU A 201 15.04 0.27 -31.87
N CYS A 202 15.77 -0.72 -31.36
CA CYS A 202 15.65 -1.11 -29.95
C CYS A 202 16.49 -0.09 -29.20
N MET A 203 15.96 0.43 -28.10
CA MET A 203 16.67 1.46 -27.34
C MET A 203 16.78 1.18 -25.85
N HIS A 204 17.98 1.39 -25.31
CA HIS A 204 18.20 1.20 -23.88
C HIS A 204 17.90 2.57 -23.31
N ALA A 205 16.62 2.93 -23.31
CA ALA A 205 16.20 4.23 -22.82
C ALA A 205 14.83 4.15 -22.15
N SER A 206 14.58 5.09 -21.24
CA SER A 206 13.29 5.17 -20.57
C SER A 206 12.49 6.12 -21.45
N ALA A 207 11.21 6.28 -21.17
CA ALA A 207 10.38 7.18 -21.96
C ALA A 207 9.12 7.63 -21.25
N ASN A 208 8.66 8.83 -21.59
CA ASN A 208 7.42 9.36 -21.03
C ASN A 208 6.80 10.30 -22.05
N VAL A 209 5.54 10.66 -21.84
CA VAL A 209 4.83 11.53 -22.77
C VAL A 209 4.15 12.68 -22.04
N GLY A 210 4.12 13.85 -22.66
CA GLY A 210 3.50 15.00 -22.03
C GLY A 210 2.01 15.08 -22.28
N LYS A 211 1.36 16.03 -21.63
CA LYS A 211 -0.08 16.23 -21.79
C LYS A 211 -0.46 16.41 -23.26
N GLN A 212 0.41 17.07 -24.01
CA GLN A 212 0.17 17.32 -25.43
C GLN A 212 0.53 16.14 -26.34
N GLY A 213 0.98 15.04 -25.74
CA GLY A 213 1.32 13.87 -26.53
C GLY A 213 2.75 13.83 -27.03
N ASP A 214 3.59 14.78 -26.61
CA ASP A 214 4.99 14.81 -27.03
C ASP A 214 5.79 13.77 -26.25
N VAL A 215 6.47 12.89 -26.98
CA VAL A 215 7.27 11.82 -26.36
C VAL A 215 8.76 12.14 -26.21
N THR A 216 9.32 11.77 -25.07
CA THR A 216 10.73 11.96 -24.80
C THR A 216 11.35 10.61 -24.41
N VAL A 217 12.56 10.35 -24.89
CA VAL A 217 13.26 9.12 -24.53
C VAL A 217 14.57 9.54 -23.87
N PHE A 218 15.02 8.75 -22.90
CA PHE A 218 16.26 9.05 -22.19
C PHE A 218 17.19 7.85 -22.26
N PHE A 219 18.28 7.97 -23.04
CA PHE A 219 19.24 6.88 -23.18
C PHE A 219 20.22 6.88 -22.02
N GLY A 220 20.62 5.68 -21.58
CA GLY A 220 21.58 5.60 -20.50
C GLY A 220 21.74 4.22 -19.91
N LEU A 221 22.86 4.01 -19.22
CA LEU A 221 23.13 2.75 -18.55
C LEU A 221 22.40 2.84 -17.21
N SER A 222 22.30 1.73 -16.49
CA SER A 222 21.61 1.76 -15.20
C SER A 222 22.30 2.70 -14.23
N GLY A 223 21.51 3.28 -13.33
CA GLY A 223 22.05 4.19 -12.33
C GLY A 223 22.52 5.53 -12.87
N THR A 224 22.02 5.96 -14.02
CA THR A 224 22.46 7.24 -14.56
C THR A 224 21.32 8.24 -14.75
N GLY A 225 20.14 7.91 -14.22
CA GLY A 225 19.00 8.79 -14.31
C GLY A 225 17.78 8.38 -15.12
N LYS A 226 17.84 7.26 -15.83
CA LYS A 226 16.69 6.85 -16.65
C LYS A 226 15.38 6.71 -15.89
N THR A 227 15.43 6.06 -14.73
CA THR A 227 14.23 5.85 -13.92
C THR A 227 13.79 7.15 -13.25
N THR A 228 14.73 7.81 -12.59
CA THR A 228 14.45 9.06 -11.89
C THR A 228 13.88 10.15 -12.79
N LEU A 229 14.56 10.41 -13.90
CA LEU A 229 14.13 11.47 -14.82
C LEU A 229 12.87 11.19 -15.61
N SER A 230 12.54 9.91 -15.86
CA SER A 230 11.32 9.61 -16.61
C SER A 230 10.10 9.68 -15.68
N ALA A 231 10.33 9.57 -14.37
CA ALA A 231 9.23 9.67 -13.40
C ALA A 231 9.02 11.16 -13.20
N ASP A 232 8.18 11.74 -14.03
CA ASP A 232 7.92 13.18 -14.02
C ASP A 232 6.50 13.47 -13.56
N PRO A 233 6.34 14.35 -12.57
CA PRO A 233 5.02 14.72 -12.04
C PRO A 233 4.09 15.29 -13.10
N HIS A 234 4.67 15.89 -14.14
CA HIS A 234 3.87 16.51 -15.20
C HIS A 234 3.70 15.67 -16.45
N ARG A 235 4.30 14.48 -16.49
CA ARG A 235 4.20 13.64 -17.67
C ARG A 235 3.86 12.20 -17.34
N ASN A 236 3.18 11.52 -18.27
CA ASN A 236 2.82 10.14 -18.05
C ASN A 236 3.96 9.21 -18.41
N LEU A 237 4.29 8.31 -17.49
CA LEU A 237 5.36 7.36 -17.71
C LEU A 237 4.97 6.29 -18.72
N ILE A 238 5.91 5.97 -19.60
CA ILE A 238 5.70 4.93 -20.60
C ILE A 238 6.49 3.72 -20.11
N GLY A 239 7.75 3.97 -19.77
CA GLY A 239 8.63 2.92 -19.27
C GLY A 239 9.90 3.53 -18.72
N ASP A 240 10.62 2.78 -17.88
CA ASP A 240 11.83 3.34 -17.29
C ASP A 240 13.13 2.73 -17.79
N ASP A 241 13.10 1.85 -18.80
CA ASP A 241 14.36 1.22 -19.17
C ASP A 241 14.56 0.68 -20.59
N GLU A 242 13.54 0.10 -21.18
CA GLU A 242 13.68 -0.49 -22.52
C GLU A 242 12.52 -0.22 -23.46
N HIS A 243 12.81 0.41 -24.59
CA HIS A 243 11.80 0.73 -25.58
C HIS A 243 12.25 0.50 -27.02
N VAL A 244 11.29 0.41 -27.92
CA VAL A 244 11.56 0.22 -29.33
C VAL A 244 10.88 1.32 -30.12
N TRP A 245 11.60 1.89 -31.08
CA TRP A 245 11.08 2.95 -31.93
C TRP A 245 10.68 2.30 -33.24
N THR A 246 9.38 2.20 -33.51
CA THR A 246 8.89 1.59 -34.74
C THR A 246 8.42 2.66 -35.72
N ASP A 247 7.70 2.23 -36.75
CA ASP A 247 7.19 3.14 -37.75
C ASP A 247 6.01 3.95 -37.18
N ARG A 248 5.44 3.47 -36.08
CA ARG A 248 4.30 4.14 -35.47
C ARG A 248 4.66 4.98 -34.25
N GLY A 249 5.83 4.76 -33.71
CA GLY A 249 6.26 5.50 -32.53
C GLY A 249 7.07 4.60 -31.65
N VAL A 250 6.80 4.63 -30.34
CA VAL A 250 7.56 3.80 -29.40
C VAL A 250 6.68 2.88 -28.57
N PHE A 251 7.28 1.80 -28.08
CA PHE A 251 6.57 0.88 -27.22
C PHE A 251 7.52 0.35 -26.17
N ASN A 252 7.00 0.16 -24.97
CA ASN A 252 7.78 -0.36 -23.88
C ASN A 252 7.90 -1.86 -24.07
N ILE A 253 9.08 -2.41 -23.80
CA ILE A 253 9.29 -3.83 -23.93
C ILE A 253 8.77 -4.54 -22.68
N GLU A 254 8.81 -3.81 -21.57
CA GLU A 254 8.43 -4.34 -20.26
C GLU A 254 7.04 -3.99 -19.72
N GLY A 255 6.71 -4.62 -18.61
CA GLY A 255 5.44 -4.39 -17.95
C GLY A 255 5.67 -3.93 -16.52
N GLY A 256 6.92 -3.58 -16.22
CA GLY A 256 7.27 -3.13 -14.89
C GLY A 256 8.60 -2.37 -14.89
N CYS A 257 9.07 -2.02 -13.70
CA CYS A 257 10.32 -1.29 -13.55
C CYS A 257 11.21 -1.95 -12.50
N TYR A 258 12.47 -2.19 -12.87
CA TYR A 258 13.47 -2.82 -12.01
C TYR A 258 14.42 -1.69 -11.65
N ALA A 259 14.00 -0.87 -10.70
CA ALA A 259 14.76 0.30 -10.30
C ALA A 259 15.85 0.12 -9.26
N LYS A 260 16.93 0.86 -9.46
CA LYS A 260 18.04 0.87 -8.50
C LYS A 260 17.36 1.47 -7.28
N ALA A 261 17.52 0.83 -6.12
CA ALA A 261 16.87 1.31 -4.92
C ALA A 261 17.69 2.28 -4.05
N ILE A 262 18.99 2.38 -4.31
CA ILE A 262 19.85 3.24 -3.50
C ILE A 262 19.35 4.68 -3.38
N GLY A 263 19.10 5.11 -2.14
CA GLY A 263 18.66 6.46 -1.89
C GLY A 263 17.20 6.81 -2.10
N LEU A 264 16.36 5.84 -2.44
CA LEU A 264 14.95 6.13 -2.65
C LEU A 264 14.34 6.69 -1.37
N ASN A 265 13.54 7.74 -1.51
CA ASN A 265 12.90 8.39 -0.37
C ASN A 265 11.67 9.15 -0.83
N PRO A 266 10.66 9.28 0.04
CA PRO A 266 9.42 9.99 -0.30
C PRO A 266 9.59 11.50 -0.53
N LYS A 267 10.73 12.04 -0.11
CA LYS A 267 10.98 13.47 -0.26
C LYS A 267 11.24 13.89 -1.72
N THR A 268 12.29 13.35 -2.31
CA THR A 268 12.65 13.70 -3.68
C THR A 268 12.12 12.77 -4.78
N GLU A 269 11.75 11.54 -4.41
CA GLU A 269 11.23 10.58 -5.38
C GLU A 269 10.04 9.82 -4.81
N LYS A 270 8.99 10.55 -4.46
CA LYS A 270 7.79 9.98 -3.89
C LYS A 270 7.10 8.91 -4.73
N ASP A 271 6.92 9.18 -6.02
CA ASP A 271 6.25 8.22 -6.90
C ASP A 271 6.94 6.86 -6.95
N ILE A 272 8.26 6.86 -7.15
CA ILE A 272 8.99 5.61 -7.21
C ILE A 272 8.99 4.94 -5.84
N TYR A 273 9.29 5.71 -4.80
CA TYR A 273 9.32 5.20 -3.45
C TYR A 273 7.99 4.54 -3.06
N ASP A 274 6.89 5.19 -3.40
CA ASP A 274 5.55 4.68 -3.07
C ASP A 274 5.18 3.39 -3.80
N ALA A 275 5.89 3.08 -4.89
CA ALA A 275 5.62 1.87 -5.66
C ALA A 275 6.18 0.62 -4.99
N VAL A 276 7.08 0.81 -4.03
CA VAL A 276 7.68 -0.33 -3.34
C VAL A 276 6.74 -0.78 -2.22
N ARG A 277 5.71 -1.53 -2.62
CA ARG A 277 4.71 -2.05 -1.69
C ARG A 277 4.26 -3.45 -2.13
N PHE A 278 3.16 -3.93 -1.54
CA PHE A 278 2.68 -5.27 -1.88
C PHE A 278 2.55 -5.46 -3.39
N GLY A 279 3.08 -6.57 -3.88
CA GLY A 279 3.05 -6.86 -5.30
C GLY A 279 4.43 -6.63 -5.89
N ALA A 280 5.23 -5.83 -5.19
CA ALA A 280 6.59 -5.53 -5.62
C ALA A 280 7.62 -6.39 -4.94
N VAL A 281 8.83 -6.36 -5.50
CA VAL A 281 9.95 -7.12 -4.98
C VAL A 281 11.10 -6.18 -4.62
N ALA A 282 11.81 -6.52 -3.56
CA ALA A 282 12.98 -5.75 -3.12
C ALA A 282 14.08 -6.79 -3.18
N GLU A 283 15.15 -6.50 -3.92
CA GLU A 283 16.23 -7.45 -4.08
C GLU A 283 17.54 -7.00 -3.45
N ASN A 284 18.05 -7.80 -2.52
CA ASN A 284 19.30 -7.50 -1.84
C ASN A 284 19.26 -6.24 -0.98
N CYS A 285 18.05 -5.86 -0.56
CA CYS A 285 17.88 -4.69 0.30
C CYS A 285 17.91 -5.15 1.74
N VAL A 286 18.35 -4.27 2.64
CA VAL A 286 18.39 -4.59 4.07
C VAL A 286 17.28 -3.79 4.73
N LEU A 287 16.52 -4.45 5.60
CA LEU A 287 15.42 -3.80 6.30
C LEU A 287 15.86 -3.21 7.63
N ASP A 288 15.25 -2.11 8.01
CA ASP A 288 15.56 -1.48 9.29
C ASP A 288 14.93 -2.35 10.37
N LYS A 289 15.78 -2.91 11.23
CA LYS A 289 15.33 -3.80 12.31
C LYS A 289 14.11 -3.33 13.09
N ARG A 290 14.09 -2.08 13.49
CA ARG A 290 12.95 -1.60 14.26
C ARG A 290 11.78 -1.03 13.47
N THR A 291 12.00 -0.67 12.21
CA THR A 291 10.92 -0.12 11.40
C THR A 291 10.31 -1.15 10.44
N GLY A 292 11.14 -2.07 9.96
CA GLY A 292 10.63 -3.07 9.04
C GLY A 292 10.63 -2.53 7.63
N GLU A 293 10.91 -1.23 7.50
CA GLU A 293 10.95 -0.61 6.19
C GLU A 293 12.36 -0.78 5.65
N ILE A 294 12.48 -0.82 4.32
CA ILE A 294 13.78 -0.97 3.70
C ILE A 294 14.64 0.22 4.07
N ASP A 295 15.92 -0.03 4.35
CA ASP A 295 16.85 1.06 4.63
C ASP A 295 17.48 1.27 3.27
N PHE A 296 16.88 2.13 2.45
CA PHE A 296 17.36 2.41 1.10
C PHE A 296 18.80 2.91 0.97
N TYR A 297 19.43 3.22 2.09
CA TYR A 297 20.81 3.70 2.05
C TYR A 297 21.80 2.61 2.44
N ASP A 298 21.26 1.46 2.87
CA ASP A 298 22.10 0.35 3.27
C ASP A 298 22.54 -0.50 2.08
N GLU A 299 23.84 -0.50 1.80
CA GLU A 299 24.38 -1.28 0.70
C GLU A 299 25.33 -2.34 1.26
N SER A 300 25.07 -2.79 2.49
CA SER A 300 25.94 -3.79 3.10
C SER A 300 25.95 -5.09 2.32
N ILE A 301 24.83 -5.40 1.65
CA ILE A 301 24.77 -6.61 0.84
C ILE A 301 25.47 -6.33 -0.49
N CYS A 302 25.13 -5.21 -1.11
CA CYS A 302 25.73 -4.81 -2.38
C CYS A 302 25.33 -3.38 -2.72
N LYS A 303 26.02 -2.79 -3.69
CA LYS A 303 25.72 -1.43 -4.12
C LYS A 303 24.78 -1.43 -5.32
N ASN A 304 24.07 -2.54 -5.51
CA ASN A 304 23.12 -2.66 -6.62
C ASN A 304 21.78 -3.16 -6.09
N THR A 305 21.33 -2.56 -4.99
CA THR A 305 20.06 -2.94 -4.39
C THR A 305 18.98 -2.56 -5.40
N ARG A 306 17.95 -3.40 -5.50
CA ARG A 306 16.89 -3.17 -6.47
C ARG A 306 15.49 -3.36 -5.92
N VAL A 307 14.52 -2.81 -6.63
CA VAL A 307 13.10 -2.96 -6.32
C VAL A 307 12.47 -3.17 -7.69
N ALA A 308 11.47 -4.04 -7.74
CA ALA A 308 10.79 -4.31 -8.99
C ALA A 308 9.30 -4.20 -8.76
N TYR A 309 8.64 -3.38 -9.57
CA TYR A 309 7.20 -3.20 -9.43
C TYR A 309 6.51 -3.07 -10.78
N PRO A 310 5.23 -3.46 -10.84
CA PRO A 310 4.48 -3.37 -12.09
C PRO A 310 4.33 -1.87 -12.43
N LEU A 311 4.21 -1.57 -13.72
CA LEU A 311 4.04 -0.18 -14.13
C LEU A 311 2.77 0.38 -13.50
N SER A 312 1.83 -0.51 -13.20
CA SER A 312 0.56 -0.11 -12.59
C SER A 312 0.76 0.56 -11.24
N HIS A 313 1.94 0.39 -10.63
CA HIS A 313 2.20 1.01 -9.33
C HIS A 313 2.58 2.48 -9.45
N ILE A 314 2.81 2.95 -10.66
CA ILE A 314 3.16 4.34 -10.88
C ILE A 314 1.93 5.09 -11.40
N GLU A 315 1.50 6.09 -10.63
CA GLU A 315 0.33 6.88 -11.01
C GLU A 315 0.54 7.58 -12.34
N GLY A 316 -0.45 7.44 -13.22
CA GLY A 316 -0.37 8.08 -14.53
C GLY A 316 0.38 7.31 -15.60
N ALA A 317 0.99 6.19 -15.23
CA ALA A 317 1.73 5.39 -16.22
C ALA A 317 0.70 4.84 -17.21
N LEU A 318 1.05 4.83 -18.49
CA LEU A 318 0.13 4.32 -19.51
C LEU A 318 -0.15 2.82 -19.34
N SER A 319 -1.41 2.43 -19.48
CA SER A 319 -1.78 1.02 -19.32
C SER A 319 -1.14 0.27 -20.49
N LYS A 320 -1.41 0.75 -21.70
CA LYS A 320 -0.81 0.17 -22.90
C LYS A 320 0.35 1.12 -23.14
N ALA A 321 1.55 0.66 -22.80
CA ALA A 321 2.75 1.48 -22.90
C ALA A 321 3.28 1.69 -24.32
N ILE A 322 2.56 2.50 -25.09
CA ILE A 322 2.94 2.84 -26.46
C ILE A 322 2.62 4.31 -26.65
N ALA A 323 3.39 5.00 -27.48
CA ALA A 323 3.16 6.42 -27.74
C ALA A 323 3.68 6.79 -29.12
N GLY A 324 3.68 8.09 -29.42
CA GLY A 324 4.14 8.55 -30.72
C GLY A 324 5.64 8.62 -30.90
N HIS A 325 6.07 9.29 -31.96
CA HIS A 325 7.49 9.45 -32.27
C HIS A 325 8.17 10.48 -31.39
N PRO A 326 9.29 10.10 -30.75
CA PRO A 326 10.04 11.00 -29.88
C PRO A 326 10.29 12.40 -30.45
N LYS A 327 9.80 13.40 -29.73
CA LYS A 327 9.99 14.79 -30.14
C LYS A 327 11.35 15.22 -29.60
N ASN A 328 11.70 14.65 -28.45
CA ASN A 328 12.97 14.96 -27.80
C ASN A 328 13.71 13.67 -27.47
N VAL A 329 15.00 13.64 -27.82
CA VAL A 329 15.84 12.48 -27.56
C VAL A 329 16.96 12.94 -26.63
N ILE A 330 17.07 12.32 -25.47
CA ILE A 330 18.06 12.71 -24.48
C ILE A 330 19.10 11.62 -24.18
N PHE A 331 20.37 12.01 -24.20
CA PHE A 331 21.46 11.09 -23.88
C PHE A 331 21.94 11.49 -22.49
N LEU A 332 21.86 10.56 -21.55
CA LEU A 332 22.30 10.83 -20.19
C LEU A 332 23.76 10.40 -20.03
N THR A 333 24.61 11.33 -19.65
CA THR A 333 26.01 11.03 -19.43
C THR A 333 26.36 11.27 -17.97
N ASN A 334 26.58 10.19 -17.24
CA ASN A 334 26.94 10.27 -15.82
C ASN A 334 28.43 10.56 -15.82
N ASP A 335 28.80 11.83 -16.01
CA ASP A 335 30.20 12.22 -16.06
C ASP A 335 30.87 12.43 -14.71
N ALA A 336 31.71 11.48 -14.35
CA ALA A 336 32.44 11.53 -13.08
C ALA A 336 33.54 12.60 -13.07
N PHE A 337 33.96 13.07 -14.26
CA PHE A 337 35.01 14.08 -14.34
C PHE A 337 34.52 15.51 -14.11
N GLY A 338 33.20 15.70 -14.21
CA GLY A 338 32.63 17.03 -14.01
C GLY A 338 32.93 18.06 -15.09
N VAL A 339 33.17 17.60 -16.31
CA VAL A 339 33.46 18.52 -17.39
C VAL A 339 32.34 18.60 -18.42
N MET A 340 31.41 17.67 -18.37
CA MET A 340 30.29 17.69 -19.30
C MET A 340 29.32 18.77 -18.84
N PRO A 341 28.71 19.49 -19.77
CA PRO A 341 27.77 20.55 -19.40
C PRO A 341 26.47 19.97 -18.84
N PRO A 342 25.76 20.74 -18.01
CA PRO A 342 24.49 20.23 -17.46
C PRO A 342 23.59 19.86 -18.64
N VAL A 343 23.67 20.67 -19.70
CA VAL A 343 22.89 20.43 -20.90
C VAL A 343 23.53 21.01 -22.16
N ALA A 344 23.40 20.27 -23.25
CA ALA A 344 23.91 20.70 -24.54
C ALA A 344 22.89 20.27 -25.57
N ARG A 345 22.67 21.10 -26.57
CA ARG A 345 21.73 20.77 -27.65
C ARG A 345 22.62 20.28 -28.78
N LEU A 346 22.48 19.00 -29.14
CA LEU A 346 23.32 18.41 -30.17
C LEU A 346 22.86 18.56 -31.60
N THR A 347 23.82 18.81 -32.49
CA THR A 347 23.50 18.93 -33.89
C THR A 347 23.29 17.49 -34.33
N SER A 348 22.79 17.29 -35.54
CA SER A 348 22.56 15.95 -36.05
C SER A 348 23.87 15.18 -36.11
N ALA A 349 24.94 15.86 -36.48
CA ALA A 349 26.27 15.24 -36.56
C ALA A 349 26.73 14.79 -35.17
N GLN A 350 26.66 15.69 -34.22
CA GLN A 350 27.07 15.39 -32.85
C GLN A 350 26.22 14.27 -32.25
N ALA A 351 24.93 14.25 -32.58
CA ALA A 351 24.03 13.23 -32.08
C ALA A 351 24.51 11.82 -32.39
N MET A 352 24.88 11.57 -33.65
CA MET A 352 25.35 10.25 -34.05
C MET A 352 26.64 9.89 -33.30
N PHE A 353 27.55 10.86 -33.21
CA PHE A 353 28.82 10.66 -32.53
C PHE A 353 28.62 10.27 -31.06
N TRP A 354 27.90 11.11 -30.32
CA TRP A 354 27.68 10.84 -28.90
C TRP A 354 26.89 9.58 -28.64
N PHE A 355 25.99 9.23 -29.55
CA PHE A 355 25.18 8.03 -29.39
C PHE A 355 26.05 6.77 -29.45
N VAL A 356 26.84 6.61 -30.51
CA VAL A 356 27.68 5.42 -30.64
C VAL A 356 28.84 5.43 -29.65
N MET A 357 29.36 6.62 -29.33
CA MET A 357 30.46 6.71 -28.39
C MET A 357 29.99 6.25 -27.01
N GLY A 358 28.80 6.71 -26.62
CA GLY A 358 28.21 6.31 -25.35
C GLY A 358 29.01 6.58 -24.09
N TYR A 359 29.53 7.80 -23.93
CA TYR A 359 30.31 8.12 -22.75
C TYR A 359 29.41 8.37 -21.54
N THR A 360 29.69 7.66 -20.45
CA THR A 360 28.91 7.82 -19.24
C THR A 360 29.71 7.17 -18.13
N ALA A 361 29.04 6.51 -17.18
CA ALA A 361 29.74 5.85 -16.10
C ALA A 361 29.14 4.49 -15.79
N ASN A 362 29.99 3.56 -15.36
CA ASN A 362 29.56 2.23 -15.01
C ASN A 362 29.51 2.21 -13.48
N VAL A 363 28.31 2.39 -12.93
CA VAL A 363 28.13 2.42 -11.48
C VAL A 363 28.40 1.06 -10.83
N PRO A 364 28.78 1.08 -9.54
CA PRO A 364 29.07 -0.13 -8.76
C PRO A 364 27.88 -1.07 -8.59
N GLY A 365 28.16 -2.37 -8.53
CA GLY A 365 27.12 -3.36 -8.34
C GLY A 365 26.47 -3.95 -9.58
N VAL A 366 25.99 -3.09 -10.48
CA VAL A 366 25.33 -3.52 -11.71
C VAL A 366 25.93 -4.77 -12.36
N GLU A 367 27.24 -4.78 -12.51
CA GLU A 367 27.93 -5.93 -13.08
C GLU A 367 28.93 -6.45 -12.05
N ALA A 368 29.31 -7.71 -12.20
CA ALA A 368 30.23 -8.35 -11.27
C ALA A 368 31.69 -7.91 -11.31
N GLY A 369 32.38 -8.13 -10.19
CA GLY A 369 33.78 -7.80 -10.07
C GLY A 369 34.18 -6.34 -10.17
N GLY A 370 33.28 -5.44 -9.80
CA GLY A 370 33.60 -4.03 -9.89
C GLY A 370 34.12 -3.44 -8.60
N THR A 371 34.56 -2.19 -8.65
CA THR A 371 35.06 -1.52 -7.47
C THR A 371 33.88 -0.78 -6.88
N ARG A 372 33.86 -0.65 -5.55
CA ARG A 372 32.77 0.03 -4.89
C ARG A 372 32.53 1.41 -5.49
N THR A 373 33.43 1.88 -6.35
CA THR A 373 33.28 3.22 -6.94
C THR A 373 33.07 3.26 -8.46
N ALA A 374 32.24 4.21 -8.90
CA ALA A 374 31.90 4.39 -10.31
C ALA A 374 33.12 4.66 -11.19
N ARG A 375 33.10 4.10 -12.39
CA ARG A 375 34.19 4.25 -13.34
C ARG A 375 33.70 4.80 -14.68
N PRO A 376 34.37 5.83 -15.21
CA PRO A 376 33.95 6.40 -16.49
C PRO A 376 33.99 5.25 -17.51
N ILE A 377 33.09 5.27 -18.48
CA ILE A 377 33.08 4.20 -19.47
C ILE A 377 32.46 4.65 -20.78
N PHE A 378 32.82 3.97 -21.87
CA PHE A 378 32.24 4.27 -23.17
C PHE A 378 31.44 3.03 -23.55
N SER A 379 30.11 3.14 -23.45
CA SER A 379 29.23 2.01 -23.75
C SER A 379 28.37 2.32 -24.97
N SER A 380 28.65 1.63 -26.06
CA SER A 380 27.92 1.83 -27.32
C SER A 380 26.42 2.03 -27.16
N CYS A 381 25.93 3.14 -27.72
CA CYS A 381 24.50 3.45 -27.69
C CYS A 381 23.94 3.45 -26.27
N PHE A 382 24.81 3.62 -25.28
CA PHE A 382 24.39 3.61 -23.88
C PHE A 382 23.74 2.28 -23.49
N GLY A 383 24.14 1.21 -24.18
CA GLY A 383 23.58 -0.10 -23.91
C GLY A 383 24.52 -1.22 -24.36
N GLY A 384 25.82 -0.94 -24.35
CA GLY A 384 26.82 -1.89 -24.79
C GLY A 384 26.73 -3.36 -24.38
N PRO A 385 26.44 -3.65 -23.10
CA PRO A 385 26.34 -5.05 -22.65
C PRO A 385 25.19 -5.84 -23.27
N PHE A 386 24.26 -5.14 -23.90
CA PHE A 386 23.10 -5.81 -24.47
C PHE A 386 22.97 -5.77 -25.98
N LEU A 387 23.82 -5.01 -26.65
CA LEU A 387 23.75 -4.92 -28.11
C LEU A 387 24.12 -6.24 -28.76
N VAL A 388 23.50 -6.55 -29.90
CA VAL A 388 23.80 -7.76 -30.64
C VAL A 388 24.55 -7.34 -31.91
N ARG A 389 23.99 -6.37 -32.63
CA ARG A 389 24.62 -5.85 -33.85
C ARG A 389 25.71 -4.87 -33.44
N HIS A 390 26.47 -4.37 -34.41
CA HIS A 390 27.53 -3.40 -34.12
C HIS A 390 26.87 -2.07 -33.78
N ALA A 391 27.55 -1.27 -32.95
CA ALA A 391 27.03 0.03 -32.53
C ALA A 391 26.59 0.87 -33.72
N THR A 392 27.40 0.85 -34.77
CA THR A 392 27.12 1.61 -35.97
C THR A 392 25.76 1.29 -36.58
N PHE A 393 25.34 0.04 -36.49
CA PHE A 393 24.04 -0.36 -37.04
C PHE A 393 22.93 0.44 -36.36
N TYR A 394 22.97 0.48 -35.04
CA TYR A 394 21.95 1.21 -34.28
C TYR A 394 22.10 2.72 -34.51
N GLY A 395 23.33 3.19 -34.59
CA GLY A 395 23.59 4.60 -34.83
C GLY A 395 22.94 5.06 -36.12
N GLU A 396 23.05 4.25 -37.17
CA GLU A 396 22.46 4.62 -38.45
C GLU A 396 20.94 4.61 -38.37
N GLN A 397 20.39 3.70 -37.58
CA GLN A 397 18.95 3.65 -37.43
C GLN A 397 18.45 4.92 -36.75
N LEU A 398 19.12 5.33 -35.68
CA LEU A 398 18.74 6.52 -34.94
C LEU A 398 18.84 7.78 -35.79
N ALA A 399 19.93 7.91 -36.54
CA ALA A 399 20.13 9.07 -37.39
C ALA A 399 18.96 9.24 -38.37
N GLU A 400 18.54 8.12 -38.96
CA GLU A 400 17.45 8.12 -39.92
C GLU A 400 16.11 8.44 -39.25
N LYS A 401 15.90 7.90 -38.05
CA LYS A 401 14.67 8.13 -37.30
C LYS A 401 14.52 9.59 -36.87
N MET A 402 15.55 10.12 -36.23
CA MET A 402 15.50 11.49 -35.75
C MET A 402 15.40 12.49 -36.89
N GLN A 403 16.04 12.19 -38.01
CA GLN A 403 15.99 13.08 -39.17
C GLN A 403 14.56 13.11 -39.71
N LYS A 404 13.97 11.94 -39.87
CA LYS A 404 12.61 11.82 -40.39
C LYS A 404 11.56 12.46 -39.48
N HIS A 405 11.80 12.42 -38.17
CA HIS A 405 10.82 12.97 -37.23
C HIS A 405 11.19 14.30 -36.59
N ASN A 406 12.26 14.93 -37.10
CA ASN A 406 12.72 16.21 -36.58
C ASN A 406 12.92 16.22 -35.07
N SER A 407 13.41 15.11 -34.53
CA SER A 407 13.66 15.01 -33.10
C SER A 407 14.79 15.95 -32.68
N ARG A 408 14.67 16.51 -31.49
CA ARG A 408 15.70 17.40 -30.96
C ARG A 408 16.52 16.53 -30.01
N VAL A 409 17.84 16.59 -30.14
CA VAL A 409 18.73 15.78 -29.32
C VAL A 409 19.47 16.60 -28.26
N TRP A 410 19.45 16.08 -27.04
CA TRP A 410 20.09 16.75 -25.92
C TRP A 410 21.05 15.84 -25.18
N LEU A 411 22.07 16.44 -24.59
CA LEU A 411 23.07 15.72 -23.81
C LEU A 411 22.96 16.25 -22.39
N LEU A 412 22.68 15.37 -21.43
CA LEU A 412 22.55 15.80 -20.03
C LEU A 412 23.55 15.15 -19.11
N ASN A 413 24.30 15.95 -18.37
CA ASN A 413 25.28 15.44 -17.41
C ASN A 413 24.54 15.14 -16.11
N THR A 414 24.40 13.87 -15.79
CA THR A 414 23.71 13.44 -14.57
C THR A 414 24.75 12.98 -13.55
N GLY A 415 26.00 13.34 -13.79
CA GLY A 415 27.07 12.93 -12.90
C GLY A 415 27.52 13.96 -11.89
N TYR A 416 28.68 14.56 -12.15
CA TYR A 416 29.26 15.56 -11.25
C TYR A 416 29.53 16.91 -11.90
N ALA A 417 29.65 17.93 -11.07
CA ALA A 417 29.92 19.28 -11.55
C ALA A 417 30.86 20.02 -10.61
N GLY A 418 31.58 21.00 -11.17
CA GLY A 418 32.49 21.81 -10.38
C GLY A 418 33.77 21.13 -9.95
N GLY A 419 33.98 19.89 -10.40
CA GLY A 419 35.18 19.16 -10.03
C GLY A 419 35.05 17.67 -10.31
N ARG A 420 36.09 16.92 -9.98
CA ARG A 420 36.12 15.47 -10.19
C ARG A 420 35.53 14.73 -8.99
N ALA A 421 34.74 13.69 -9.27
CA ALA A 421 34.13 12.89 -8.22
C ALA A 421 35.20 12.31 -7.30
N ASP A 422 36.31 11.87 -7.87
CA ASP A 422 37.37 11.28 -7.06
C ASP A 422 38.15 12.31 -6.25
N ARG A 423 37.78 13.59 -6.39
CA ARG A 423 38.44 14.66 -5.65
C ARG A 423 37.46 15.34 -4.68
N GLY A 424 36.29 14.73 -4.51
CA GLY A 424 35.31 15.28 -3.59
C GLY A 424 34.26 16.19 -4.19
N ALA A 425 34.21 16.29 -5.51
CA ALA A 425 33.22 17.14 -6.16
C ALA A 425 31.80 16.69 -5.83
N LYS A 426 30.86 17.63 -5.92
CA LYS A 426 29.46 17.34 -5.65
C LYS A 426 28.78 16.89 -6.93
N ARG A 427 27.77 16.04 -6.78
CA ARG A 427 27.04 15.56 -7.93
C ARG A 427 26.18 16.67 -8.51
N MET A 428 25.78 16.50 -9.77
CA MET A 428 24.94 17.48 -10.44
C MET A 428 23.61 17.52 -9.68
N PRO A 429 23.23 18.68 -9.13
CA PRO A 429 21.96 18.77 -8.40
C PRO A 429 20.80 18.25 -9.23
N LEU A 430 20.02 17.35 -8.66
CA LEU A 430 18.87 16.78 -9.36
C LEU A 430 17.91 17.90 -9.77
N ARG A 431 17.84 18.92 -8.92
CA ARG A 431 16.96 20.06 -9.17
C ARG A 431 17.34 20.73 -10.49
N VAL A 432 18.63 20.88 -10.72
CA VAL A 432 19.11 21.50 -11.95
C VAL A 432 18.67 20.67 -13.15
N THR A 433 18.97 19.38 -13.12
CA THR A 433 18.63 18.48 -14.21
C THR A 433 17.12 18.47 -14.47
N ARG A 434 16.33 18.45 -13.40
CA ARG A 434 14.88 18.46 -13.55
C ARG A 434 14.42 19.78 -14.16
N ALA A 435 15.02 20.88 -13.73
CA ALA A 435 14.66 22.20 -14.26
C ALA A 435 15.01 22.22 -15.74
N ILE A 436 16.14 21.62 -16.09
CA ILE A 436 16.57 21.58 -17.48
C ILE A 436 15.57 20.80 -18.33
N ILE A 437 15.13 19.65 -17.83
CA ILE A 437 14.17 18.85 -18.58
C ILE A 437 12.85 19.61 -18.72
N ASP A 438 12.47 20.37 -17.69
CA ASP A 438 11.24 21.17 -17.78
C ASP A 438 11.38 22.20 -18.89
N ALA A 439 12.59 22.74 -19.05
CA ALA A 439 12.85 23.74 -20.07
C ALA A 439 12.85 23.14 -21.47
N ILE A 440 13.17 21.85 -21.55
CA ILE A 440 13.19 21.15 -22.82
C ILE A 440 11.73 20.92 -23.22
N HIS A 441 10.93 20.52 -22.25
CA HIS A 441 9.52 20.24 -22.48
C HIS A 441 8.66 21.49 -22.64
N ASP A 442 9.07 22.61 -22.05
CA ASP A 442 8.28 23.83 -22.18
C ASP A 442 8.60 24.54 -23.49
N GLY A 443 9.65 24.08 -24.16
CA GLY A 443 10.03 24.67 -25.43
C GLY A 443 10.91 25.90 -25.32
N THR A 444 11.18 26.36 -24.09
CA THR A 444 12.01 27.53 -23.89
C THR A 444 13.49 27.30 -24.21
N LEU A 445 14.00 26.13 -23.83
CA LEU A 445 15.41 25.82 -24.07
C LEU A 445 15.75 25.78 -25.55
N ASP A 446 14.78 25.35 -26.37
CA ASP A 446 15.00 25.28 -27.80
C ASP A 446 14.92 26.67 -28.42
N ARG A 447 14.45 27.65 -27.65
CA ARG A 447 14.33 29.01 -28.15
C ARG A 447 15.36 29.98 -27.57
N THR A 448 16.27 29.48 -26.74
CA THR A 448 17.27 30.35 -26.13
C THR A 448 18.52 30.41 -26.99
N GLU A 449 19.40 31.36 -26.67
CA GLU A 449 20.64 31.53 -27.42
C GLU A 449 21.70 30.59 -26.87
N TYR A 450 22.47 30.01 -27.79
CA TYR A 450 23.53 29.09 -27.40
C TYR A 450 24.90 29.66 -27.70
N GLU A 451 25.90 29.13 -26.99
CA GLU A 451 27.29 29.52 -27.16
C GLU A 451 28.06 28.22 -27.27
N GLU A 452 29.27 28.28 -27.82
CA GLU A 452 30.07 27.07 -27.98
C GLU A 452 31.00 26.80 -26.80
N TYR A 453 30.97 25.56 -26.32
CA TYR A 453 31.83 25.10 -25.24
C TYR A 453 33.09 24.69 -25.99
N PRO A 454 34.17 25.50 -25.90
CA PRO A 454 35.46 25.29 -26.56
C PRO A 454 36.06 23.88 -26.51
N GLY A 455 36.68 23.48 -27.62
CA GLY A 455 37.30 22.17 -27.70
C GLY A 455 36.26 21.09 -27.91
N TRP A 456 35.35 20.94 -26.96
CA TRP A 456 34.30 19.94 -27.07
C TRP A 456 33.36 20.31 -28.20
N GLY A 457 33.23 21.61 -28.46
CA GLY A 457 32.36 22.06 -29.53
C GLY A 457 30.88 21.89 -29.25
N LEU A 458 30.55 21.61 -28.00
CA LEU A 458 29.16 21.44 -27.61
C LEU A 458 28.47 22.80 -27.50
N HIS A 459 27.21 22.84 -27.93
CA HIS A 459 26.45 24.07 -27.89
C HIS A 459 25.65 24.11 -26.60
N ILE A 460 26.03 25.02 -25.70
CA ILE A 460 25.36 25.15 -24.42
C ILE A 460 24.53 26.42 -24.31
N PRO A 461 23.43 26.36 -23.55
CA PRO A 461 22.52 27.48 -23.33
C PRO A 461 23.19 28.59 -22.54
N LYS A 462 22.85 29.83 -22.87
CA LYS A 462 23.41 30.96 -22.14
C LYS A 462 22.53 31.18 -20.92
N TYR A 463 21.28 30.71 -21.00
CA TYR A 463 20.34 30.85 -19.89
C TYR A 463 19.29 29.74 -19.83
N VAL A 464 18.96 29.35 -18.60
CA VAL A 464 17.94 28.33 -18.33
C VAL A 464 17.24 28.71 -17.03
N ALA A 465 15.91 28.77 -17.08
CA ALA A 465 15.14 29.13 -15.90
C ALA A 465 15.43 28.19 -14.72
N LYS A 466 15.67 28.78 -13.55
CA LYS A 466 15.95 28.03 -12.33
C LYS A 466 17.30 27.34 -12.28
N VAL A 467 18.20 27.74 -13.16
CA VAL A 467 19.53 27.14 -13.21
C VAL A 467 20.62 28.19 -13.12
N PRO A 468 21.48 28.12 -12.10
CA PRO A 468 22.57 29.08 -11.94
C PRO A 468 23.38 29.18 -13.22
N GLU A 469 23.61 30.41 -13.68
CA GLU A 469 24.37 30.64 -14.90
C GLU A 469 25.76 30.04 -14.87
N HIS A 470 26.43 30.07 -13.72
CA HIS A 470 27.78 29.54 -13.61
C HIS A 470 27.88 28.02 -13.77
N LEU A 471 26.76 27.32 -13.78
CA LEU A 471 26.78 25.87 -13.95
C LEU A 471 26.65 25.48 -15.41
N LEU A 472 25.99 26.32 -16.20
CA LEU A 472 25.79 26.03 -17.61
C LEU A 472 27.09 25.78 -18.36
N ASN A 473 28.18 26.43 -17.95
CA ASN A 473 29.48 26.22 -18.56
C ASN A 473 30.35 25.60 -17.48
N PRO A 474 30.60 24.28 -17.57
CA PRO A 474 31.42 23.55 -16.60
C PRO A 474 32.66 24.31 -16.12
N ARG A 475 33.32 25.00 -17.04
CA ARG A 475 34.51 25.77 -16.73
C ARG A 475 34.32 26.74 -15.57
N LYS A 476 33.30 27.58 -15.68
CA LYS A 476 33.00 28.58 -14.65
C LYS A 476 32.77 27.98 -13.26
N ALA A 477 32.36 26.72 -13.22
CA ALA A 477 32.07 26.05 -11.95
C ALA A 477 33.29 25.59 -11.16
N TRP A 478 34.38 25.29 -11.86
CA TRP A 478 35.60 24.82 -11.20
C TRP A 478 36.32 25.95 -10.46
N LYS A 479 36.87 25.63 -9.29
CA LYS A 479 37.59 26.60 -8.48
C LYS A 479 38.97 26.91 -9.03
N ASP A 480 39.68 25.88 -9.48
CA ASP A 480 41.02 26.04 -10.05
C ASP A 480 40.98 25.76 -11.55
N VAL A 481 41.12 26.80 -12.36
CA VAL A 481 41.08 26.64 -13.80
C VAL A 481 42.15 25.66 -14.31
N ARG A 482 43.27 25.59 -13.59
CA ARG A 482 44.34 24.69 -13.98
C ARG A 482 43.85 23.24 -13.89
N GLN A 483 43.15 22.94 -12.80
CA GLN A 483 42.63 21.60 -12.60
C GLN A 483 41.56 21.27 -13.64
N PHE A 484 40.77 22.27 -14.00
CA PHE A 484 39.74 22.06 -15.01
C PHE A 484 40.40 21.71 -16.35
N ASN A 485 41.43 22.46 -16.72
CA ASN A 485 42.11 22.20 -17.98
C ASN A 485 42.73 20.81 -18.04
N GLU A 486 43.40 20.42 -16.96
CA GLU A 486 44.03 19.11 -16.91
C GLU A 486 43.04 17.96 -17.01
N THR A 487 41.89 18.11 -16.38
CA THR A 487 40.87 17.06 -16.41
C THR A 487 40.17 17.02 -17.77
N SER A 488 39.85 18.18 -18.33
CA SER A 488 39.22 18.21 -19.64
C SER A 488 40.18 17.58 -20.64
N LYS A 489 41.45 17.91 -20.50
CA LYS A 489 42.49 17.37 -21.39
C LYS A 489 42.51 15.84 -21.29
N GLU A 490 42.46 15.34 -20.05
CA GLU A 490 42.47 13.89 -19.83
C GLU A 490 41.25 13.22 -20.46
N LEU A 491 40.06 13.80 -20.28
CA LEU A 491 38.86 13.21 -20.84
C LEU A 491 38.84 13.29 -22.36
N VAL A 492 39.31 14.40 -22.93
CA VAL A 492 39.35 14.53 -24.38
C VAL A 492 40.19 13.39 -24.95
N ALA A 493 41.36 13.16 -24.36
CA ALA A 493 42.25 12.10 -24.80
C ALA A 493 41.53 10.74 -24.75
N MET A 494 40.74 10.53 -23.70
CA MET A 494 39.99 9.29 -23.57
C MET A 494 38.98 9.14 -24.72
N PHE A 495 38.34 10.25 -25.10
CA PHE A 495 37.37 10.21 -26.20
C PHE A 495 38.08 9.87 -27.51
N GLN A 496 39.18 10.57 -27.78
CA GLN A 496 39.92 10.35 -29.01
C GLN A 496 40.41 8.92 -29.12
N GLU A 497 40.92 8.38 -28.02
CA GLU A 497 41.40 7.00 -28.02
C GLU A 497 40.26 6.03 -28.30
N SER A 498 39.12 6.24 -27.65
CA SER A 498 37.96 5.37 -27.83
C SER A 498 37.46 5.42 -29.27
N PHE A 499 37.30 6.63 -29.80
CA PHE A 499 36.82 6.80 -31.16
C PHE A 499 37.78 6.17 -32.18
N SER A 500 39.08 6.41 -32.01
CA SER A 500 40.06 5.85 -32.93
C SER A 500 40.06 4.33 -32.87
N ALA A 501 39.91 3.77 -31.68
CA ALA A 501 39.92 2.33 -31.54
C ALA A 501 38.64 1.68 -32.06
N ARG A 502 37.53 2.37 -31.93
CA ARG A 502 36.23 1.81 -32.33
C ARG A 502 35.58 2.23 -33.65
N PHE A 503 35.69 3.50 -34.04
CA PHE A 503 35.03 3.94 -35.27
C PHE A 503 35.84 4.73 -36.30
N ALA A 504 36.95 5.32 -35.88
CA ALA A 504 37.77 6.17 -36.76
C ALA A 504 38.02 5.72 -38.20
N ALA A 505 38.60 4.54 -38.35
CA ALA A 505 38.94 4.01 -39.67
C ALA A 505 37.84 4.16 -40.71
N LYS A 506 36.64 3.70 -40.37
CA LYS A 506 35.50 3.73 -41.27
C LYS A 506 34.54 4.90 -41.08
N ALA A 507 34.86 5.78 -40.13
CA ALA A 507 33.99 6.93 -39.86
C ALA A 507 33.90 7.89 -41.03
N SER A 508 32.74 8.53 -41.16
CA SER A 508 32.51 9.50 -42.22
C SER A 508 33.22 10.78 -41.80
N GLN A 509 33.32 11.74 -42.71
CA GLN A 509 33.97 13.01 -42.42
C GLN A 509 33.19 13.78 -41.36
N GLU A 510 31.86 13.67 -41.42
CA GLU A 510 30.99 14.36 -40.48
C GLU A 510 31.19 13.79 -39.08
N MET A 511 31.34 12.47 -38.99
CA MET A 511 31.54 11.80 -37.72
C MET A 511 32.88 12.21 -37.12
N LYS A 512 33.92 12.20 -37.94
CA LYS A 512 35.25 12.56 -37.48
C LYS A 512 35.33 14.02 -37.03
N SER A 513 34.55 14.89 -37.66
CA SER A 513 34.55 16.30 -37.29
C SER A 513 33.92 16.49 -35.92
N ALA A 514 33.16 15.49 -35.47
CA ALA A 514 32.49 15.55 -34.18
C ALA A 514 33.43 15.20 -33.03
N VAL A 515 34.59 14.65 -33.36
CA VAL A 515 35.56 14.28 -32.33
C VAL A 515 35.99 15.52 -31.56
N PRO A 516 35.90 15.49 -30.22
CA PRO A 516 36.30 16.67 -29.45
C PRO A 516 37.82 16.88 -29.44
N ARG A 517 38.23 18.12 -29.23
CA ARG A 517 39.65 18.45 -29.17
C ARG A 517 39.91 19.22 -27.89
N TYR A 518 41.13 19.16 -27.39
CA TYR A 518 41.47 19.88 -26.17
C TYR A 518 41.93 21.30 -26.44
N VAL A 519 41.26 22.26 -25.82
CA VAL A 519 41.61 23.65 -25.95
C VAL A 519 41.77 24.22 -24.55
N GLU A 520 43.02 24.42 -24.14
CA GLU A 520 43.30 24.96 -22.83
C GLU A 520 42.62 26.30 -22.69
N PHE A 521 41.91 26.47 -21.58
CA PHE A 521 41.24 27.72 -21.36
C PHE A 521 42.22 28.66 -20.68
N ALA A 522 42.65 29.68 -21.40
CA ALA A 522 43.59 30.64 -20.84
C ALA A 522 43.02 32.01 -21.18
N PRO B 1 9.55 -24.99 25.99
CA PRO B 1 8.94 -23.70 26.33
C PRO B 1 8.50 -23.02 25.03
N PRO B 2 7.49 -22.15 25.12
CA PRO B 2 7.05 -21.48 23.88
C PRO B 2 8.09 -20.49 23.38
N THR B 3 8.15 -20.30 22.06
CA THR B 3 9.04 -19.31 21.51
C THR B 3 8.18 -18.05 21.63
N ILE B 4 8.67 -17.04 22.33
CA ILE B 4 7.88 -15.83 22.53
C ILE B 4 8.27 -14.72 21.55
N HIS B 5 7.28 -14.23 20.82
CA HIS B 5 7.48 -13.19 19.83
C HIS B 5 6.90 -11.88 20.40
N ARG B 6 7.80 -10.97 20.76
CA ARG B 6 7.40 -9.71 21.37
C ARG B 6 7.36 -8.51 20.43
N ASN B 7 6.20 -7.88 20.34
CA ASN B 7 5.99 -6.70 19.51
C ASN B 7 6.57 -6.83 18.10
N LEU B 8 6.18 -7.87 17.38
CA LEU B 8 6.66 -8.04 16.02
C LEU B 8 6.04 -6.98 15.14
N LEU B 9 6.69 -6.73 14.01
CA LEU B 9 6.22 -5.76 13.04
C LEU B 9 5.05 -6.39 12.29
N SER B 10 4.19 -5.56 11.70
CA SER B 10 3.06 -6.07 10.95
C SER B 10 3.47 -7.10 9.91
N PRO B 11 4.50 -6.81 9.10
CA PRO B 11 4.91 -7.80 8.10
C PRO B 11 5.34 -9.13 8.72
N GLU B 12 5.94 -9.05 9.90
CA GLU B 12 6.38 -10.25 10.59
C GLU B 12 5.19 -11.08 11.07
N LEU B 13 4.14 -10.41 11.52
CA LEU B 13 2.95 -11.09 11.99
C LEU B 13 2.22 -11.74 10.82
N VAL B 14 2.20 -11.05 9.68
CA VAL B 14 1.56 -11.59 8.48
C VAL B 14 2.30 -12.87 8.11
N GLN B 15 3.63 -12.82 8.15
CA GLN B 15 4.45 -13.99 7.83
C GLN B 15 4.14 -15.16 8.76
N TRP B 16 3.99 -14.88 10.05
CA TRP B 16 3.67 -15.93 11.00
C TRP B 16 2.26 -16.51 10.78
N ALA B 17 1.31 -15.64 10.47
CA ALA B 17 -0.07 -16.08 10.22
C ALA B 17 -0.10 -17.06 9.04
N LEU B 18 0.62 -16.70 7.98
CA LEU B 18 0.68 -17.54 6.78
C LEU B 18 1.31 -18.88 7.08
N LYS B 19 2.28 -18.87 8.00
CA LYS B 19 2.96 -20.10 8.36
C LYS B 19 2.21 -21.02 9.31
N ILE B 20 1.61 -20.47 10.36
CA ILE B 20 0.94 -21.34 11.32
C ILE B 20 -0.59 -21.37 11.31
N GLU B 21 -1.21 -20.44 10.59
CA GLU B 21 -2.67 -20.42 10.50
C GLU B 21 -3.04 -21.07 9.17
N LYS B 22 -3.47 -22.33 9.27
CA LYS B 22 -3.84 -23.13 8.11
C LYS B 22 -4.67 -22.45 7.04
N ASP B 23 -5.74 -21.79 7.45
CA ASP B 23 -6.64 -21.14 6.50
C ASP B 23 -6.40 -19.67 6.20
N SER B 24 -5.28 -19.12 6.64
CA SER B 24 -5.00 -17.72 6.37
C SER B 24 -4.26 -17.54 5.05
N ARG B 25 -4.59 -16.49 4.32
CA ARG B 25 -3.94 -16.21 3.04
C ARG B 25 -4.01 -14.73 2.70
N LEU B 26 -3.23 -14.31 1.71
CA LEU B 26 -3.21 -12.91 1.31
C LEU B 26 -4.19 -12.61 0.18
N THR B 27 -4.79 -11.43 0.23
CA THR B 27 -5.72 -11.01 -0.82
C THR B 27 -4.86 -10.40 -1.92
N ALA B 28 -5.49 -10.06 -3.04
CA ALA B 28 -4.78 -9.46 -4.16
C ALA B 28 -4.11 -8.15 -3.75
N ARG B 29 -4.59 -7.53 -2.68
CA ARG B 29 -4.01 -6.27 -2.21
C ARG B 29 -3.12 -6.39 -0.98
N GLY B 30 -2.89 -7.62 -0.52
CA GLY B 30 -2.03 -7.82 0.62
C GLY B 30 -2.68 -7.91 1.99
N ALA B 31 -4.00 -7.80 2.06
CA ALA B 31 -4.69 -7.91 3.35
C ALA B 31 -4.58 -9.36 3.80
N LEU B 32 -4.58 -9.60 5.12
CA LEU B 32 -4.49 -10.94 5.65
C LEU B 32 -5.89 -11.49 5.89
N ALA B 33 -6.31 -12.41 5.02
CA ALA B 33 -7.63 -13.02 5.12
C ALA B 33 -7.58 -14.24 6.04
N VAL B 34 -8.41 -14.20 7.07
CA VAL B 34 -8.45 -15.28 8.06
C VAL B 34 -9.89 -15.61 8.45
N MET B 35 -10.06 -16.66 9.25
CA MET B 35 -11.39 -17.03 9.72
C MET B 35 -11.29 -17.31 11.21
N SER B 36 -12.36 -16.98 11.95
CA SER B 36 -12.37 -17.18 13.40
C SER B 36 -13.03 -18.49 13.81
N TYR B 37 -13.54 -19.23 12.82
CA TYR B 37 -14.19 -20.51 13.04
C TYR B 37 -15.52 -20.47 13.82
N ALA B 38 -15.67 -21.35 14.81
CA ALA B 38 -16.92 -21.43 15.58
C ALA B 38 -17.60 -20.09 15.90
N LYS B 39 -16.89 -19.22 16.61
CA LYS B 39 -17.47 -17.93 16.96
C LYS B 39 -17.13 -16.86 15.93
N THR B 40 -18.16 -16.23 15.37
CA THR B 40 -17.94 -15.18 14.38
C THR B 40 -18.55 -13.87 14.88
N GLY B 41 -18.78 -13.83 16.19
CA GLY B 41 -19.34 -12.65 16.82
C GLY B 41 -19.08 -12.75 18.32
N ARG B 42 -19.51 -11.74 19.08
CA ARG B 42 -19.33 -11.75 20.52
C ARG B 42 -20.20 -12.80 21.19
N SER B 43 -19.84 -13.16 22.42
CA SER B 43 -20.59 -14.13 23.20
C SER B 43 -21.01 -13.45 24.51
N PRO B 44 -21.94 -12.50 24.43
CA PRO B 44 -22.41 -11.78 25.62
C PRO B 44 -22.86 -12.68 26.78
N LEU B 45 -23.42 -13.83 26.45
CA LEU B 45 -23.90 -14.78 27.48
C LEU B 45 -22.74 -15.33 28.30
N ASP B 46 -21.54 -15.30 27.72
CA ASP B 46 -20.36 -15.83 28.39
C ASP B 46 -19.44 -14.76 28.97
N LYS B 47 -19.86 -13.50 28.91
CA LYS B 47 -19.07 -12.41 29.45
C LYS B 47 -19.29 -12.33 30.96
N ARG B 48 -18.21 -12.07 31.70
CA ARG B 48 -18.29 -11.97 33.15
C ARG B 48 -17.42 -10.85 33.68
N ILE B 49 -17.82 -10.28 34.80
CA ILE B 49 -17.05 -9.25 35.48
C ILE B 49 -16.79 -9.90 36.82
N VAL B 50 -15.53 -10.03 37.20
CA VAL B 50 -15.23 -10.67 38.48
C VAL B 50 -15.81 -9.83 39.60
N ASP B 51 -16.44 -10.51 40.55
CA ASP B 51 -17.09 -9.87 41.69
C ASP B 51 -16.09 -9.45 42.77
N THR B 52 -15.31 -8.40 42.47
CA THR B 52 -14.32 -7.89 43.42
C THR B 52 -14.82 -6.66 44.17
N ASP B 53 -14.44 -6.54 45.44
CA ASP B 53 -14.88 -5.44 46.29
C ASP B 53 -14.65 -4.02 45.75
N ASP B 54 -13.56 -3.81 45.03
CA ASP B 54 -13.29 -2.47 44.51
C ASP B 54 -14.35 -1.92 43.54
N VAL B 55 -15.07 -2.80 42.85
CA VAL B 55 -16.07 -2.35 41.89
C VAL B 55 -17.51 -2.83 42.11
N ARG B 56 -17.70 -3.86 42.92
CA ARG B 56 -19.03 -4.43 43.15
C ARG B 56 -20.17 -3.42 43.29
N GLU B 57 -19.94 -2.38 44.09
CA GLU B 57 -20.96 -1.37 44.34
C GLU B 57 -21.34 -0.52 43.12
N ASN B 58 -20.40 -0.31 42.20
CA ASN B 58 -20.66 0.52 41.02
C ASN B 58 -21.10 -0.24 39.78
N VAL B 59 -20.83 -1.53 39.73
CA VAL B 59 -21.23 -2.33 38.57
C VAL B 59 -22.74 -2.51 38.52
N ASP B 60 -23.32 -2.24 37.36
CA ASP B 60 -24.76 -2.40 37.16
C ASP B 60 -24.99 -3.88 36.82
N TRP B 61 -25.08 -4.72 37.85
CA TRP B 61 -25.28 -6.14 37.64
C TRP B 61 -26.64 -6.42 37.03
N GLY B 62 -26.66 -7.30 36.04
CA GLY B 62 -27.91 -7.64 35.38
C GLY B 62 -27.70 -8.54 34.18
N LYS B 63 -28.41 -8.25 33.09
CA LYS B 63 -28.32 -9.06 31.88
C LYS B 63 -26.96 -8.94 31.17
N VAL B 64 -26.33 -7.77 31.27
CA VAL B 64 -25.04 -7.56 30.61
C VAL B 64 -23.87 -7.90 31.53
N ASN B 65 -23.90 -7.34 32.74
CA ASN B 65 -22.84 -7.57 33.71
C ASN B 65 -23.20 -8.69 34.68
N MET B 66 -22.47 -9.81 34.54
CA MET B 66 -22.71 -10.98 35.36
C MET B 66 -21.50 -11.35 36.20
N LYS B 67 -21.75 -11.61 37.47
CA LYS B 67 -20.70 -11.94 38.41
C LYS B 67 -20.00 -13.26 38.18
N LEU B 68 -18.72 -13.28 38.53
CA LEU B 68 -17.91 -14.50 38.46
C LEU B 68 -17.09 -14.39 39.74
N SER B 69 -17.05 -15.46 40.53
CA SER B 69 -16.29 -15.42 41.77
C SER B 69 -14.81 -15.28 41.47
N GLU B 70 -14.04 -14.81 42.46
CA GLU B 70 -12.61 -14.65 42.26
C GLU B 70 -12.00 -16.04 42.13
N GLU B 71 -12.57 -17.02 42.83
CA GLU B 71 -12.05 -18.39 42.77
C GLU B 71 -12.23 -18.98 41.37
N SER B 72 -13.38 -18.73 40.76
CA SER B 72 -13.63 -19.24 39.43
C SER B 72 -12.75 -18.53 38.41
N PHE B 73 -12.56 -17.22 38.60
CA PHE B 73 -11.70 -16.46 37.69
C PHE B 73 -10.30 -17.03 37.76
N ALA B 74 -9.84 -17.30 38.97
CA ALA B 74 -8.50 -17.86 39.16
C ALA B 74 -8.41 -19.17 38.39
N ARG B 75 -9.49 -19.94 38.37
CA ARG B 75 -9.49 -21.21 37.65
C ARG B 75 -9.43 -21.02 36.13
N VAL B 76 -10.19 -20.07 35.58
CA VAL B 76 -10.15 -19.87 34.14
C VAL B 76 -8.82 -19.24 33.73
N ARG B 77 -8.28 -18.39 34.58
CA ARG B 77 -6.99 -17.75 34.28
C ARG B 77 -5.92 -18.84 34.19
N LYS B 78 -5.94 -19.78 35.12
CA LYS B 78 -4.98 -20.87 35.14
C LYS B 78 -5.06 -21.66 33.84
N ILE B 79 -6.28 -21.95 33.40
CA ILE B 79 -6.48 -22.69 32.15
C ILE B 79 -5.88 -21.90 30.99
N ALA B 80 -6.14 -20.59 30.98
CA ALA B 80 -5.63 -19.71 29.93
C ALA B 80 -4.11 -19.62 29.93
N LYS B 81 -3.51 -19.41 31.10
CA LYS B 81 -2.06 -19.31 31.18
C LYS B 81 -1.33 -20.60 30.83
N GLU B 82 -1.87 -21.74 31.26
CA GLU B 82 -1.25 -23.02 30.97
C GLU B 82 -1.32 -23.33 29.49
N PHE B 83 -2.39 -22.88 28.84
CA PHE B 83 -2.55 -23.09 27.40
C PHE B 83 -1.52 -22.24 26.67
N LEU B 84 -1.43 -20.97 27.06
CA LEU B 84 -0.49 -20.05 26.45
C LEU B 84 0.96 -20.51 26.65
N ASP B 85 1.26 -20.98 27.86
CA ASP B 85 2.60 -21.44 28.17
C ASP B 85 2.97 -22.79 27.57
N THR B 86 2.01 -23.47 26.94
CA THR B 86 2.31 -24.75 26.33
C THR B 86 2.18 -24.73 24.82
N ARG B 87 2.10 -23.54 24.23
CA ARG B 87 2.01 -23.43 22.77
C ARG B 87 3.44 -23.38 22.23
N GLU B 88 3.62 -23.71 20.96
CA GLU B 88 4.96 -23.66 20.38
C GLU B 88 5.35 -22.20 20.18
N HIS B 89 4.36 -21.36 19.91
CA HIS B 89 4.60 -19.94 19.68
C HIS B 89 3.63 -19.06 20.47
N LEU B 90 4.14 -18.00 21.08
CA LEU B 90 3.34 -17.08 21.87
C LEU B 90 3.62 -15.68 21.32
N PHE B 91 2.56 -14.90 21.10
CA PHE B 91 2.74 -13.55 20.57
C PHE B 91 2.33 -12.50 21.59
N VAL B 92 3.17 -11.49 21.73
CA VAL B 92 2.92 -10.42 22.68
C VAL B 92 2.80 -9.06 22.01
N VAL B 93 1.77 -8.31 22.38
CA VAL B 93 1.55 -6.99 21.82
C VAL B 93 1.39 -5.96 22.94
N ASP B 94 2.34 -5.04 23.03
CA ASP B 94 2.27 -3.97 24.02
C ASP B 94 1.74 -2.77 23.29
N CYS B 95 0.70 -2.15 23.82
CA CYS B 95 0.07 -1.02 23.18
C CYS B 95 -0.63 -0.11 24.15
N PHE B 96 -1.16 0.99 23.62
CA PHE B 96 -1.89 1.95 24.43
C PHE B 96 -3.36 2.00 23.99
N ALA B 97 -4.23 2.19 24.96
CA ALA B 97 -5.65 2.35 24.69
C ALA B 97 -5.83 3.84 24.98
N GLY B 98 -6.12 4.62 23.93
CA GLY B 98 -6.30 6.06 24.11
C GLY B 98 -5.17 6.88 23.49
N HIS B 99 -5.53 7.94 22.76
CA HIS B 99 -4.55 8.79 22.10
C HIS B 99 -4.04 9.94 22.98
N ASP B 100 -4.78 10.27 24.03
CA ASP B 100 -4.38 11.35 24.93
C ASP B 100 -3.47 10.73 25.98
N GLU B 101 -2.19 11.11 25.95
CA GLU B 101 -1.22 10.55 26.88
C GLU B 101 -1.53 10.71 28.37
N ARG B 102 -2.27 11.75 28.73
CA ARG B 102 -2.61 11.98 30.13
C ARG B 102 -3.61 10.96 30.67
N TYR B 103 -4.38 10.34 29.77
CA TYR B 103 -5.42 9.38 30.20
C TYR B 103 -5.28 7.97 29.61
N ARG B 104 -4.31 7.76 28.74
CA ARG B 104 -4.15 6.45 28.12
C ARG B 104 -3.72 5.32 29.04
N LEU B 105 -4.05 4.10 28.64
CA LEU B 105 -3.71 2.90 29.39
C LEU B 105 -2.69 2.05 28.66
N LYS B 106 -1.78 1.42 29.41
CA LYS B 106 -0.80 0.52 28.83
C LYS B 106 -1.44 -0.85 28.86
N VAL B 107 -1.51 -1.50 27.70
CA VAL B 107 -2.11 -2.83 27.59
C VAL B 107 -1.13 -3.84 27.01
N ARG B 108 -1.12 -5.05 27.58
CA ARG B 108 -0.28 -6.11 27.05
C ARG B 108 -1.17 -7.27 26.68
N VAL B 109 -1.09 -7.69 25.42
CA VAL B 109 -1.90 -8.80 24.93
C VAL B 109 -1.06 -10.02 24.57
N PHE B 110 -1.51 -11.18 25.06
CA PHE B 110 -0.87 -12.45 24.76
C PHE B 110 -1.84 -13.18 23.83
N THR B 111 -1.35 -13.62 22.67
CA THR B 111 -2.21 -14.37 21.75
C THR B 111 -1.48 -15.60 21.24
N THR B 112 -2.24 -16.54 20.70
CA THR B 112 -1.64 -17.74 20.13
C THR B 112 -1.78 -17.63 18.62
N ARG B 113 -2.80 -16.89 18.18
CA ARG B 113 -3.00 -16.70 16.75
C ARG B 113 -2.33 -15.40 16.32
N PRO B 114 -1.45 -15.47 15.30
CA PRO B 114 -0.76 -14.28 14.81
C PRO B 114 -1.70 -13.17 14.37
N TYR B 115 -2.83 -13.54 13.77
CA TYR B 115 -3.76 -12.51 13.30
C TYR B 115 -4.38 -11.75 14.45
N HIS B 116 -4.47 -12.37 15.62
CA HIS B 116 -5.02 -11.68 16.78
C HIS B 116 -4.03 -10.63 17.23
N ALA B 117 -2.75 -10.93 17.07
CA ALA B 117 -1.69 -9.99 17.44
C ALA B 117 -1.69 -8.82 16.46
N LEU B 118 -1.82 -9.12 15.16
CA LEU B 118 -1.85 -8.07 14.14
C LEU B 118 -3.06 -7.18 14.37
N PHE B 119 -4.17 -7.83 14.71
CA PHE B 119 -5.42 -7.12 14.99
C PHE B 119 -5.21 -6.08 16.09
N MET B 120 -4.59 -6.49 17.19
CA MET B 120 -4.35 -5.58 18.31
C MET B 120 -3.30 -4.52 17.97
N ARG B 121 -2.34 -4.88 17.11
CA ARG B 121 -1.33 -3.92 16.69
C ARG B 121 -2.03 -2.83 15.88
N ASP B 122 -3.01 -3.25 15.08
CA ASP B 122 -3.80 -2.36 14.24
C ASP B 122 -4.86 -1.60 15.03
N MET B 123 -5.52 -2.30 15.95
CA MET B 123 -6.62 -1.70 16.71
C MET B 123 -6.31 -0.82 17.92
N LEU B 124 -5.11 -0.93 18.48
CA LEU B 124 -4.74 -0.06 19.58
C LEU B 124 -3.55 0.78 19.11
N ILE B 125 -3.02 1.64 19.97
CA ILE B 125 -1.92 2.51 19.59
C ILE B 125 -0.55 1.87 19.79
N VAL B 126 0.24 1.85 18.73
CA VAL B 126 1.58 1.27 18.79
C VAL B 126 2.54 2.22 19.50
N PRO B 127 3.21 1.74 20.55
CA PRO B 127 4.16 2.56 21.30
C PRO B 127 5.42 2.80 20.47
N THR B 128 6.21 3.81 20.82
CA THR B 128 7.46 4.09 20.10
C THR B 128 8.47 3.07 20.58
N PRO B 129 9.59 2.92 19.86
CA PRO B 129 10.61 1.95 20.28
C PRO B 129 11.08 2.24 21.70
N GLU B 130 11.20 3.51 22.04
CA GLU B 130 11.65 3.91 23.36
C GLU B 130 10.62 3.54 24.41
N GLU B 131 9.34 3.71 24.08
CA GLU B 131 8.27 3.38 25.01
C GLU B 131 8.21 1.87 25.23
N LEU B 132 8.50 1.09 24.20
CA LEU B 132 8.49 -0.36 24.34
C LEU B 132 9.64 -0.79 25.26
N ALA B 133 10.82 -0.21 25.02
CA ALA B 133 12.00 -0.54 25.82
C ALA B 133 11.82 -0.16 27.29
N THR B 134 10.92 0.77 27.56
CA THR B 134 10.65 1.22 28.93
C THR B 134 9.17 1.05 29.27
N PHE B 135 8.54 0.05 28.65
CA PHE B 135 7.12 -0.19 28.88
C PHE B 135 6.77 -0.45 30.34
N GLY B 136 7.68 -1.08 31.07
CA GLY B 136 7.44 -1.38 32.46
C GLY B 136 6.29 -2.35 32.67
N GLU B 137 5.48 -2.09 33.68
CA GLU B 137 4.33 -2.95 33.97
C GLU B 137 3.09 -2.44 33.25
N PRO B 138 2.44 -3.30 32.47
CA PRO B 138 1.24 -2.82 31.78
C PRO B 138 0.13 -2.57 32.78
N ASP B 139 -0.81 -1.71 32.41
CA ASP B 139 -1.93 -1.44 33.30
C ASP B 139 -2.88 -2.62 33.23
N TYR B 140 -3.14 -3.10 32.03
CA TYR B 140 -4.03 -4.23 31.81
C TYR B 140 -3.37 -5.30 30.95
N VAL B 141 -3.70 -6.56 31.23
CA VAL B 141 -3.16 -7.68 30.49
C VAL B 141 -4.31 -8.53 29.97
N ILE B 142 -4.25 -8.87 28.69
CA ILE B 142 -5.28 -9.71 28.06
C ILE B 142 -4.66 -11.07 27.76
N TYR B 143 -5.23 -12.13 28.32
CA TYR B 143 -4.74 -13.48 28.04
C TYR B 143 -5.71 -14.06 27.04
N ASN B 144 -5.37 -13.98 25.75
CA ASN B 144 -6.27 -14.52 24.75
C ASN B 144 -5.98 -15.97 24.46
N ALA B 145 -6.58 -16.85 25.25
CA ALA B 145 -6.43 -18.29 25.08
C ALA B 145 -7.71 -18.76 24.39
N GLY B 146 -8.21 -17.91 23.50
CA GLY B 146 -9.43 -18.20 22.76
C GLY B 146 -9.46 -19.50 22.00
N GLU B 147 -8.30 -20.03 21.61
CA GLU B 147 -8.26 -21.29 20.88
C GLU B 147 -8.45 -22.47 21.82
N CYS B 148 -8.50 -22.19 23.12
CA CYS B 148 -8.66 -23.22 24.14
C CYS B 148 -10.03 -23.14 24.79
N LYS B 149 -10.64 -24.30 25.05
CA LYS B 149 -11.95 -24.35 25.69
C LYS B 149 -11.85 -24.16 27.19
N ALA B 150 -12.90 -23.57 27.77
CA ALA B 150 -12.95 -23.39 29.22
C ALA B 150 -13.62 -24.65 29.75
N ASP B 151 -13.55 -24.86 31.06
CA ASP B 151 -14.19 -26.01 31.68
C ASP B 151 -15.58 -25.51 32.08
N PRO B 152 -16.62 -25.92 31.36
CA PRO B 152 -17.98 -25.48 31.69
C PRO B 152 -18.49 -25.84 33.08
N SER B 153 -17.79 -26.73 33.77
CA SER B 153 -18.22 -27.13 35.12
C SER B 153 -17.75 -26.15 36.19
N ILE B 154 -16.89 -25.21 35.80
CA ILE B 154 -16.42 -24.21 36.75
C ILE B 154 -17.63 -23.36 37.17
N PRO B 155 -17.79 -23.11 38.48
CA PRO B 155 -18.90 -22.30 39.00
C PRO B 155 -18.97 -20.93 38.34
N GLY B 156 -20.10 -20.63 37.71
CA GLY B 156 -20.24 -19.34 37.07
C GLY B 156 -20.21 -19.41 35.56
N LEU B 157 -19.61 -20.46 35.02
CA LEU B 157 -19.55 -20.62 33.57
C LEU B 157 -20.79 -21.34 33.07
N THR B 158 -21.16 -21.05 31.82
CA THR B 158 -22.33 -21.66 31.21
C THR B 158 -21.99 -22.40 29.92
N SER B 159 -20.72 -22.32 29.52
CA SER B 159 -20.26 -22.98 28.30
C SER B 159 -18.74 -23.08 28.27
N THR B 160 -18.21 -23.60 27.17
CA THR B 160 -16.78 -23.73 27.00
C THR B 160 -16.17 -22.37 26.61
N THR B 161 -17.02 -21.36 26.54
CA THR B 161 -16.59 -20.00 26.19
C THR B 161 -16.62 -19.13 27.44
N CYS B 162 -15.57 -18.34 27.65
CA CYS B 162 -15.52 -17.47 28.82
C CYS B 162 -14.69 -16.23 28.52
N VAL B 163 -15.31 -15.07 28.71
CA VAL B 163 -14.66 -13.79 28.50
C VAL B 163 -14.85 -13.05 29.82
N ALA B 164 -13.84 -13.15 30.67
CA ALA B 164 -13.92 -12.55 32.00
C ALA B 164 -12.95 -11.40 32.22
N LEU B 165 -13.46 -10.36 32.86
CA LEU B 165 -12.67 -9.17 33.16
C LEU B 165 -12.57 -8.96 34.68
N ASN B 166 -11.34 -8.87 35.17
CA ASN B 166 -11.09 -8.68 36.59
C ASN B 166 -10.48 -7.28 36.77
N PHE B 167 -11.26 -6.36 37.33
CA PHE B 167 -10.79 -4.98 37.53
C PHE B 167 -9.78 -4.84 38.66
N LYS B 168 -9.81 -5.78 39.60
CA LYS B 168 -8.87 -5.76 40.73
C LYS B 168 -7.48 -6.16 40.25
N THR B 169 -7.39 -7.29 39.54
CA THR B 169 -6.10 -7.76 39.02
C THR B 169 -5.78 -7.14 37.66
N ARG B 170 -6.74 -6.43 37.08
CA ARG B 170 -6.58 -5.79 35.78
C ARG B 170 -6.15 -6.81 34.72
N GLU B 171 -7.03 -7.79 34.50
CA GLU B 171 -6.79 -8.86 33.56
C GLU B 171 -8.06 -9.28 32.83
N GLN B 172 -7.92 -9.68 31.57
CA GLN B 172 -9.04 -10.19 30.80
C GLN B 172 -8.63 -11.58 30.38
N VAL B 173 -9.52 -12.55 30.57
CA VAL B 173 -9.24 -13.92 30.19
C VAL B 173 -10.23 -14.28 29.09
N ILE B 174 -9.71 -14.77 27.97
CA ILE B 174 -10.55 -15.18 26.84
C ILE B 174 -10.33 -16.66 26.56
N LEU B 175 -11.42 -17.43 26.58
CA LEU B 175 -11.37 -18.86 26.31
C LEU B 175 -12.55 -19.24 25.41
N GLY B 176 -12.35 -20.23 24.55
CA GLY B 176 -13.41 -20.70 23.68
C GLY B 176 -14.03 -19.75 22.67
N THR B 177 -13.20 -18.89 22.08
CA THR B 177 -13.67 -17.96 21.05
C THR B 177 -12.50 -17.24 20.41
N GLU B 178 -12.43 -17.29 19.09
CA GLU B 178 -11.36 -16.65 18.34
C GLU B 178 -11.83 -15.38 17.63
N TYR B 179 -13.03 -14.90 17.99
CA TYR B 179 -13.55 -13.68 17.39
C TYR B 179 -12.74 -12.54 17.96
N ALA B 180 -12.02 -11.83 17.10
CA ALA B 180 -11.15 -10.74 17.52
C ALA B 180 -11.84 -9.62 18.31
N GLY B 181 -13.10 -9.37 17.99
CA GLY B 181 -13.84 -8.32 18.66
C GLY B 181 -13.88 -8.44 20.18
N GLU B 182 -13.75 -9.66 20.70
CA GLU B 182 -13.80 -9.86 22.14
C GLU B 182 -12.69 -9.09 22.86
N MET B 183 -11.53 -8.98 22.23
CA MET B 183 -10.41 -8.25 22.84
C MET B 183 -10.70 -6.76 22.84
N LYS B 184 -11.09 -6.26 21.68
CA LYS B 184 -11.40 -4.85 21.48
C LYS B 184 -12.53 -4.35 22.39
N LYS B 185 -13.62 -5.11 22.49
CA LYS B 185 -14.72 -4.69 23.35
C LYS B 185 -14.40 -4.90 24.82
N GLY B 186 -13.43 -5.75 25.11
CA GLY B 186 -13.04 -5.95 26.50
C GLY B 186 -12.35 -4.68 26.98
N ILE B 187 -11.56 -4.08 26.10
CA ILE B 187 -10.85 -2.85 26.42
C ILE B 187 -11.86 -1.71 26.53
N LEU B 188 -12.89 -1.72 25.68
CA LEU B 188 -13.92 -0.70 25.73
C LEU B 188 -14.61 -0.78 27.10
N THR B 189 -14.92 -1.99 27.52
CA THR B 189 -15.57 -2.22 28.81
C THR B 189 -14.68 -1.69 29.94
N VAL B 190 -13.37 -1.91 29.84
CA VAL B 190 -12.44 -1.41 30.86
C VAL B 190 -12.56 0.11 30.90
N MET B 191 -12.59 0.73 29.73
CA MET B 191 -12.71 2.18 29.65
C MET B 191 -14.04 2.67 30.23
N PHE B 192 -15.09 1.85 30.10
CA PHE B 192 -16.41 2.22 30.63
C PHE B 192 -16.49 2.21 32.15
N GLU B 193 -15.41 1.75 32.80
CA GLU B 193 -15.36 1.74 34.26
C GLU B 193 -14.25 2.69 34.73
N LEU B 194 -13.11 2.70 34.04
CA LEU B 194 -12.03 3.57 34.44
C LEU B 194 -12.33 5.05 34.19
N MET B 195 -12.96 5.37 33.08
CA MET B 195 -13.26 6.77 32.81
C MET B 195 -14.21 7.32 33.86
N PRO B 196 -15.23 6.54 34.25
CA PRO B 196 -16.13 7.06 35.29
C PRO B 196 -15.32 7.39 36.54
N GLN B 197 -14.37 6.53 36.89
CA GLN B 197 -13.53 6.73 38.06
C GLN B 197 -12.76 8.05 37.95
N MET B 198 -12.43 8.44 36.74
CA MET B 198 -11.70 9.68 36.48
C MET B 198 -12.67 10.81 36.10
N ASN B 199 -13.96 10.52 36.22
CA ASN B 199 -14.99 11.51 35.90
C ASN B 199 -15.03 11.90 34.43
N HIS B 200 -14.57 11.01 33.56
CA HIS B 200 -14.61 11.27 32.12
C HIS B 200 -15.74 10.43 31.53
N LEU B 201 -16.26 10.84 30.38
CA LEU B 201 -17.36 10.13 29.74
C LEU B 201 -16.94 9.23 28.58
N CYS B 202 -17.05 7.93 28.80
CA CYS B 202 -16.72 6.97 27.75
C CYS B 202 -17.95 6.92 26.85
N MET B 203 -17.73 6.92 25.53
CA MET B 203 -18.84 6.92 24.58
C MET B 203 -18.73 5.86 23.49
N HIS B 204 -19.82 5.13 23.25
CA HIS B 204 -19.82 4.13 22.18
C HIS B 204 -20.22 4.90 20.95
N ALA B 205 -19.32 5.75 20.48
CA ALA B 205 -19.60 6.59 19.33
C ALA B 205 -18.39 6.85 18.45
N SER B 206 -18.66 7.14 17.18
CA SER B 206 -17.60 7.47 16.23
C SER B 206 -17.48 8.99 16.32
N ALA B 207 -16.49 9.56 15.66
CA ALA B 207 -16.31 11.00 15.70
C ALA B 207 -15.41 11.53 14.58
N ASN B 208 -15.68 12.76 14.17
CA ASN B 208 -14.87 13.42 13.15
C ASN B 208 -14.86 14.91 13.44
N VAL B 209 -13.99 15.65 12.75
CA VAL B 209 -13.90 17.08 12.98
C VAL B 209 -13.82 17.88 11.69
N GLY B 210 -14.52 19.01 11.66
CA GLY B 210 -14.54 19.85 10.47
C GLY B 210 -13.30 20.71 10.33
N LYS B 211 -13.16 21.34 9.17
CA LYS B 211 -12.02 22.21 8.90
C LYS B 211 -11.89 23.29 9.97
N GLN B 212 -13.02 23.76 10.50
CA GLN B 212 -13.01 24.79 11.52
C GLN B 212 -12.80 24.24 12.93
N GLY B 213 -12.56 22.94 13.02
CA GLY B 213 -12.33 22.32 14.32
C GLY B 213 -13.56 21.93 15.11
N ASP B 214 -14.74 21.94 14.48
CA ASP B 214 -15.96 21.57 15.18
C ASP B 214 -16.11 20.05 15.22
N VAL B 215 -16.15 19.51 16.43
CA VAL B 215 -16.26 18.06 16.63
C VAL B 215 -17.69 17.52 16.69
N THR B 216 -17.90 16.40 16.02
CA THR B 216 -19.20 15.74 16.01
C THR B 216 -19.02 14.27 16.41
N VAL B 217 -19.87 13.78 17.30
CA VAL B 217 -19.78 12.39 17.70
C VAL B 217 -21.11 11.72 17.34
N PHE B 218 -21.04 10.45 16.94
CA PHE B 218 -22.23 9.69 16.56
C PHE B 218 -22.39 8.44 17.42
N PHE B 219 -23.37 8.43 18.31
CA PHE B 219 -23.63 7.27 19.17
C PHE B 219 -24.45 6.21 18.43
N GLY B 220 -24.17 4.95 18.73
CA GLY B 220 -24.94 3.88 18.11
C GLY B 220 -24.32 2.51 18.24
N LEU B 221 -25.16 1.48 18.13
CA LEU B 221 -24.69 0.11 18.20
C LEU B 221 -24.00 -0.16 16.86
N SER B 222 -23.27 -1.27 16.76
CA SER B 222 -22.56 -1.59 15.53
C SER B 222 -23.51 -1.75 14.35
N GLY B 223 -23.06 -1.33 13.18
CA GLY B 223 -23.86 -1.46 11.97
C GLY B 223 -25.08 -0.56 11.87
N THR B 224 -25.12 0.51 12.64
CA THR B 224 -26.24 1.43 12.58
C THR B 224 -25.85 2.79 12.05
N GLY B 225 -24.65 2.88 11.48
CA GLY B 225 -24.21 4.15 10.89
C GLY B 225 -22.93 4.81 11.35
N LYS B 226 -22.42 4.45 12.53
CA LYS B 226 -21.21 5.09 13.04
C LYS B 226 -20.04 5.17 12.06
N THR B 227 -19.70 4.06 11.42
CA THR B 227 -18.57 4.05 10.49
C THR B 227 -18.85 4.80 9.20
N THR B 228 -19.97 4.48 8.54
CA THR B 228 -20.29 5.13 7.28
C THR B 228 -20.61 6.63 7.40
N LEU B 229 -21.23 7.02 8.50
CA LEU B 229 -21.58 8.44 8.69
C LEU B 229 -20.41 9.30 9.15
N SER B 230 -19.47 8.72 9.88
CA SER B 230 -18.32 9.50 10.34
C SER B 230 -17.31 9.64 9.21
N ALA B 231 -17.46 8.81 8.18
CA ALA B 231 -16.57 8.87 7.02
C ALA B 231 -17.15 9.97 6.13
N ASP B 232 -16.64 11.18 6.31
CA ASP B 232 -17.14 12.34 5.57
C ASP B 232 -16.06 12.97 4.70
N PRO B 233 -16.35 13.18 3.40
CA PRO B 233 -15.40 13.77 2.46
C PRO B 233 -14.84 15.12 2.92
N HIS B 234 -15.67 15.89 3.63
CA HIS B 234 -15.23 17.21 4.09
C HIS B 234 -14.77 17.26 5.53
N ARG B 235 -14.74 16.12 6.21
CA ARG B 235 -14.33 16.11 7.61
C ARG B 235 -13.28 15.05 7.92
N ASN B 236 -12.31 15.42 8.76
CA ASN B 236 -11.25 14.51 9.16
C ASN B 236 -11.80 13.50 10.16
N LEU B 237 -11.50 12.22 9.93
CA LEU B 237 -11.96 11.18 10.83
C LEU B 237 -11.13 11.16 12.11
N ILE B 238 -11.79 11.02 13.25
CA ILE B 238 -11.09 10.94 14.51
C ILE B 238 -11.10 9.46 14.89
N GLY B 239 -12.27 8.84 14.76
CA GLY B 239 -12.41 7.43 15.09
C GLY B 239 -13.80 6.95 14.66
N ASP B 240 -13.95 5.64 14.45
CA ASP B 240 -15.25 5.15 14.00
C ASP B 240 -16.05 4.34 15.01
N ASP B 241 -15.63 4.27 16.27
CA ASP B 241 -16.38 3.41 17.17
C ASP B 241 -16.38 3.72 18.67
N GLU B 242 -15.24 4.16 19.20
CA GLU B 242 -15.13 4.39 20.64
C GLU B 242 -14.30 5.63 21.00
N HIS B 243 -14.89 6.53 21.78
CA HIS B 243 -14.21 7.73 22.20
C HIS B 243 -14.50 8.11 23.64
N VAL B 244 -13.66 8.98 24.19
CA VAL B 244 -13.83 9.45 25.56
C VAL B 244 -13.86 10.97 25.54
N TRP B 245 -14.80 11.55 26.27
CA TRP B 245 -14.95 13.00 26.36
C TRP B 245 -14.34 13.41 27.70
N THR B 246 -13.24 14.15 27.65
CA THR B 246 -12.55 14.60 28.87
C THR B 246 -12.69 16.10 29.07
N ASP B 247 -11.87 16.65 29.95
CA ASP B 247 -11.87 18.08 30.21
C ASP B 247 -11.21 18.81 29.04
N ARG B 248 -10.41 18.05 28.28
CA ARG B 248 -9.68 18.61 27.14
C ARG B 248 -10.36 18.41 25.80
N GLY B 249 -11.40 17.58 25.79
CA GLY B 249 -12.12 17.31 24.56
C GLY B 249 -12.28 15.82 24.40
N VAL B 250 -12.20 15.30 23.18
CA VAL B 250 -12.35 13.87 22.96
C VAL B 250 -11.07 13.22 22.50
N PHE B 251 -10.98 11.90 22.73
CA PHE B 251 -9.85 11.13 22.25
C PHE B 251 -10.35 9.77 21.84
N ASN B 252 -9.81 9.26 20.74
CA ASN B 252 -10.19 7.95 20.24
C ASN B 252 -9.51 6.93 21.13
N ILE B 253 -10.25 5.89 21.52
CA ILE B 253 -9.69 4.85 22.37
C ILE B 253 -8.80 3.95 21.53
N GLU B 254 -9.13 3.83 20.25
CA GLU B 254 -8.43 2.94 19.33
C GLU B 254 -7.41 3.56 18.39
N GLY B 255 -6.59 2.69 17.79
CA GLY B 255 -5.57 3.11 16.85
C GLY B 255 -5.92 2.59 15.46
N GLY B 256 -7.13 2.05 15.33
CA GLY B 256 -7.57 1.52 14.05
C GLY B 256 -9.09 1.39 14.00
N CYS B 257 -9.58 0.76 12.94
CA CYS B 257 -11.02 0.55 12.73
C CYS B 257 -11.33 -0.90 12.39
N TYR B 258 -12.35 -1.44 13.06
CA TYR B 258 -12.80 -2.82 12.87
C TYR B 258 -14.19 -2.71 12.23
N ALA B 259 -14.21 -2.34 10.96
CA ALA B 259 -15.47 -2.13 10.24
C ALA B 259 -16.15 -3.37 9.69
N LYS B 260 -17.47 -3.33 9.68
CA LYS B 260 -18.24 -4.44 9.12
C LYS B 260 -17.85 -4.39 7.64
N ALA B 261 -17.53 -5.54 7.06
CA ALA B 261 -17.10 -5.59 5.67
C ALA B 261 -18.21 -5.75 4.64
N ILE B 262 -19.42 -6.07 5.10
CA ILE B 262 -20.53 -6.27 4.18
C ILE B 262 -20.76 -5.13 3.20
N GLY B 263 -20.75 -5.46 1.91
CA GLY B 263 -20.98 -4.47 0.87
C GLY B 263 -19.93 -3.42 0.57
N LEU B 264 -18.73 -3.56 1.13
CA LEU B 264 -17.68 -2.58 0.86
C LEU B 264 -17.34 -2.54 -0.63
N ASN B 265 -17.30 -1.35 -1.19
CA ASN B 265 -17.00 -1.17 -2.61
C ASN B 265 -16.34 0.19 -2.85
N PRO B 266 -15.48 0.29 -3.88
CA PRO B 266 -14.79 1.55 -4.20
C PRO B 266 -15.69 2.68 -4.68
N LYS B 267 -16.95 2.36 -4.95
CA LYS B 267 -17.88 3.39 -5.42
C LYS B 267 -18.53 4.19 -4.29
N THR B 268 -19.10 3.48 -3.31
CA THR B 268 -19.77 4.16 -2.20
C THR B 268 -18.98 4.23 -0.89
N GLU B 269 -17.84 3.53 -0.82
CA GLU B 269 -17.00 3.55 0.38
C GLU B 269 -15.55 3.42 -0.04
N LYS B 270 -15.12 4.31 -0.92
CA LYS B 270 -13.76 4.29 -1.44
C LYS B 270 -12.66 4.23 -0.40
N ASP B 271 -12.63 5.21 0.51
CA ASP B 271 -11.58 5.24 1.52
C ASP B 271 -11.49 3.96 2.36
N ILE B 272 -12.62 3.46 2.83
CA ILE B 272 -12.60 2.24 3.63
C ILE B 272 -12.20 1.04 2.77
N TYR B 273 -12.75 0.95 1.57
CA TYR B 273 -12.41 -0.16 0.69
C TYR B 273 -10.91 -0.16 0.40
N ASP B 274 -10.37 1.02 0.13
CA ASP B 274 -8.94 1.16 -0.17
C ASP B 274 -8.04 0.86 1.03
N ALA B 275 -8.61 0.89 2.23
CA ALA B 275 -7.84 0.63 3.44
C ALA B 275 -7.61 -0.86 3.64
N VAL B 276 -8.40 -1.69 2.98
CA VAL B 276 -8.27 -3.13 3.11
C VAL B 276 -7.15 -3.63 2.19
N ARG B 277 -5.91 -3.37 2.61
CA ARG B 277 -4.71 -3.76 1.89
C ARG B 277 -3.66 -4.28 2.87
N PHE B 278 -2.42 -4.38 2.43
CA PHE B 278 -1.37 -4.89 3.30
C PHE B 278 -1.35 -4.19 4.66
N GLY B 279 -1.29 -5.00 5.72
CA GLY B 279 -1.27 -4.46 7.06
C GLY B 279 -2.64 -4.59 7.69
N ALA B 280 -3.64 -4.80 6.85
CA ALA B 280 -5.02 -4.96 7.30
C ALA B 280 -5.39 -6.43 7.41
N VAL B 281 -6.46 -6.71 8.13
CA VAL B 281 -6.95 -8.06 8.32
C VAL B 281 -8.39 -8.17 7.80
N ALA B 282 -8.70 -9.29 7.17
CA ALA B 282 -10.04 -9.55 6.69
C ALA B 282 -10.46 -10.75 7.52
N GLU B 283 -11.55 -10.61 8.27
CA GLU B 283 -11.99 -11.68 9.15
C GLU B 283 -13.31 -12.30 8.71
N ASN B 284 -13.26 -13.59 8.37
CA ASN B 284 -14.43 -14.34 7.94
C ASN B 284 -15.01 -13.90 6.60
N CYS B 285 -14.17 -13.27 5.77
CA CYS B 285 -14.58 -12.83 4.45
C CYS B 285 -14.22 -13.94 3.47
N VAL B 286 -14.89 -13.95 2.31
CA VAL B 286 -14.62 -14.96 1.31
C VAL B 286 -13.91 -14.33 0.12
N LEU B 287 -12.84 -14.98 -0.34
CA LEU B 287 -12.08 -14.48 -1.47
C LEU B 287 -12.47 -15.15 -2.79
N ASP B 288 -12.41 -14.39 -3.87
CA ASP B 288 -12.73 -14.89 -5.21
C ASP B 288 -11.55 -15.73 -5.69
N LYS B 289 -11.82 -16.99 -6.02
CA LYS B 289 -10.78 -17.91 -6.50
C LYS B 289 -9.98 -17.36 -7.68
N ARG B 290 -10.69 -16.75 -8.63
CA ARG B 290 -10.05 -16.20 -9.82
C ARG B 290 -9.03 -15.09 -9.59
N THR B 291 -9.43 -14.03 -8.91
CA THR B 291 -8.55 -12.89 -8.68
C THR B 291 -7.90 -12.77 -7.30
N GLY B 292 -8.40 -13.54 -6.34
CA GLY B 292 -7.84 -13.44 -5.00
C GLY B 292 -8.36 -12.19 -4.31
N GLU B 293 -9.41 -11.61 -4.90
CA GLU B 293 -10.04 -10.41 -4.36
C GLU B 293 -11.17 -10.84 -3.43
N ILE B 294 -11.43 -10.05 -2.40
CA ILE B 294 -12.49 -10.36 -1.46
C ILE B 294 -13.86 -10.08 -2.07
N ASP B 295 -14.80 -10.99 -1.85
CA ASP B 295 -16.17 -10.79 -2.33
C ASP B 295 -16.88 -10.21 -1.11
N PHE B 296 -16.88 -8.89 -1.00
CA PHE B 296 -17.48 -8.21 0.13
C PHE B 296 -18.97 -8.44 0.35
N TYR B 297 -19.63 -9.05 -0.63
CA TYR B 297 -21.06 -9.32 -0.54
C TYR B 297 -21.33 -10.75 -0.09
N ASP B 298 -20.28 -11.57 -0.07
CA ASP B 298 -20.42 -12.98 0.33
C ASP B 298 -20.46 -13.17 1.84
N GLU B 299 -21.63 -13.56 2.36
CA GLU B 299 -21.79 -13.78 3.79
C GLU B 299 -22.01 -15.26 4.11
N SER B 300 -21.47 -16.12 3.25
CA SER B 300 -21.63 -17.56 3.46
C SER B 300 -21.02 -18.02 4.78
N ILE B 301 -19.99 -17.33 5.25
CA ILE B 301 -19.37 -17.69 6.52
C ILE B 301 -20.20 -17.12 7.67
N CYS B 302 -20.58 -15.85 7.56
CA CYS B 302 -21.40 -15.19 8.57
C CYS B 302 -21.83 -13.82 8.08
N LYS B 303 -22.78 -13.22 8.79
CA LYS B 303 -23.27 -11.90 8.43
C LYS B 303 -22.56 -10.82 9.26
N ASN B 304 -21.39 -11.16 9.79
CA ASN B 304 -20.60 -10.22 10.58
C ASN B 304 -19.16 -10.22 10.07
N THR B 305 -19.00 -10.21 8.75
CA THR B 305 -17.67 -10.16 8.16
C THR B 305 -17.03 -8.86 8.59
N ARG B 306 -15.72 -8.88 8.79
CA ARG B 306 -15.01 -7.70 9.25
C ARG B 306 -13.66 -7.49 8.59
N VAL B 307 -13.21 -6.24 8.64
CA VAL B 307 -11.89 -5.87 8.16
C VAL B 307 -11.35 -4.97 9.27
N ALA B 308 -10.07 -5.12 9.57
CA ALA B 308 -9.45 -4.30 10.60
C ALA B 308 -8.23 -3.65 9.96
N TYR B 309 -8.06 -2.36 10.17
CA TYR B 309 -6.93 -1.65 9.60
C TYR B 309 -6.54 -0.49 10.49
N PRO B 310 -5.27 -0.09 10.44
CA PRO B 310 -4.80 1.04 11.27
C PRO B 310 -5.48 2.32 10.81
N LEU B 311 -5.55 3.31 11.69
CA LEU B 311 -6.16 4.60 11.35
C LEU B 311 -5.40 5.24 10.19
N SER B 312 -4.10 5.01 10.15
CA SER B 312 -3.25 5.55 9.11
C SER B 312 -3.65 5.16 7.69
N HIS B 313 -4.49 4.12 7.56
CA HIS B 313 -4.93 3.68 6.23
C HIS B 313 -6.05 4.54 5.68
N ILE B 314 -6.56 5.45 6.51
CA ILE B 314 -7.64 6.33 6.11
C ILE B 314 -7.09 7.73 5.89
N GLU B 315 -7.17 8.23 4.66
CA GLU B 315 -6.64 9.55 4.36
C GLU B 315 -7.46 10.60 5.11
N GLY B 316 -6.77 11.56 5.71
CA GLY B 316 -7.45 12.61 6.44
C GLY B 316 -7.63 12.31 7.92
N ALA B 317 -7.65 11.02 8.28
CA ALA B 317 -7.80 10.63 9.68
C ALA B 317 -6.65 11.24 10.47
N LEU B 318 -6.94 11.76 11.66
CA LEU B 318 -5.92 12.39 12.49
C LEU B 318 -4.83 11.40 12.92
N SER B 319 -3.57 11.82 12.82
CA SER B 319 -2.45 10.98 13.23
C SER B 319 -2.57 10.77 14.73
N LYS B 320 -2.79 11.87 15.45
CA LYS B 320 -3.00 11.81 16.89
C LYS B 320 -4.49 12.09 16.98
N ALA B 321 -5.26 11.03 17.23
CA ALA B 321 -6.72 11.12 17.28
C ALA B 321 -7.32 11.73 18.53
N ILE B 322 -7.20 13.06 18.64
CA ILE B 322 -7.75 13.83 19.74
C ILE B 322 -8.29 15.10 19.12
N ALA B 323 -9.31 15.68 19.74
CA ALA B 323 -9.89 16.91 19.22
C ALA B 323 -10.68 17.61 20.32
N GLY B 324 -11.30 18.74 19.98
CA GLY B 324 -12.04 19.51 20.95
C GLY B 324 -13.33 18.91 21.48
N HIS B 325 -14.08 19.75 22.19
CA HIS B 325 -15.35 19.34 22.79
C HIS B 325 -16.46 19.32 21.73
N PRO B 326 -17.19 18.20 21.64
CA PRO B 326 -18.29 18.04 20.67
C PRO B 326 -19.24 19.23 20.55
N LYS B 327 -19.37 19.74 19.32
CA LYS B 327 -20.27 20.85 19.05
C LYS B 327 -21.65 20.23 18.78
N ASN B 328 -21.62 19.09 18.10
CA ASN B 328 -22.83 18.36 17.75
C ASN B 328 -22.74 16.92 18.26
N VAL B 329 -23.83 16.48 18.88
CA VAL B 329 -23.92 15.13 19.43
C VAL B 329 -25.07 14.46 18.71
N ILE B 330 -24.79 13.32 18.07
CA ILE B 330 -25.81 12.60 17.32
C ILE B 330 -26.11 11.20 17.86
N PHE B 331 -27.40 10.90 17.99
CA PHE B 331 -27.86 9.60 18.45
C PHE B 331 -28.40 8.90 17.19
N LEU B 332 -27.85 7.73 16.89
CA LEU B 332 -28.29 6.98 15.72
C LEU B 332 -29.28 5.91 16.13
N THR B 333 -30.51 6.00 15.63
CA THR B 333 -31.52 5.01 15.95
C THR B 333 -31.91 4.24 14.69
N ASN B 334 -31.55 2.96 14.68
CA ASN B 334 -31.84 2.07 13.55
C ASN B 334 -33.26 1.56 13.72
N ASP B 335 -34.22 2.45 13.50
CA ASP B 335 -35.63 2.12 13.68
C ASP B 335 -36.21 1.18 12.62
N ALA B 336 -36.50 -0.04 13.05
CA ALA B 336 -37.06 -1.05 12.17
C ALA B 336 -38.56 -0.84 11.92
N PHE B 337 -39.22 -0.04 12.76
CA PHE B 337 -40.65 0.21 12.61
C PHE B 337 -40.97 1.33 11.62
N GLY B 338 -39.96 2.13 11.28
CA GLY B 338 -40.16 3.22 10.34
C GLY B 338 -40.98 4.40 10.82
N VAL B 339 -41.01 4.62 12.13
CA VAL B 339 -41.77 5.74 12.68
C VAL B 339 -40.90 6.85 13.25
N MET B 340 -39.60 6.59 13.39
CA MET B 340 -38.68 7.60 13.89
C MET B 340 -38.36 8.57 12.76
N PRO B 341 -38.29 9.88 13.07
CA PRO B 341 -37.99 10.92 12.10
C PRO B 341 -36.58 10.83 11.55
N PRO B 342 -36.37 11.27 10.30
CA PRO B 342 -35.03 11.23 9.70
C PRO B 342 -34.09 12.03 10.61
N VAL B 343 -34.66 13.07 11.23
CA VAL B 343 -33.91 13.91 12.15
C VAL B 343 -34.82 14.73 13.05
N ALA B 344 -34.42 14.84 14.30
CA ALA B 344 -35.15 15.60 15.30
C ALA B 344 -34.10 16.32 16.13
N ARG B 345 -34.37 17.57 16.50
CA ARG B 345 -33.43 18.33 17.32
C ARG B 345 -33.93 18.17 18.75
N LEU B 346 -33.13 17.48 19.56
CA LEU B 346 -33.51 17.21 20.94
C LEU B 346 -33.26 18.33 21.93
N THR B 347 -34.17 18.48 22.89
CA THR B 347 -34.02 19.49 23.92
C THR B 347 -33.10 18.81 24.95
N SER B 348 -32.65 19.55 25.96
CA SER B 348 -31.78 18.94 26.95
C SER B 348 -32.47 17.77 27.65
N ALA B 349 -33.76 17.93 27.94
CA ALA B 349 -34.52 16.89 28.61
C ALA B 349 -34.66 15.64 27.76
N GLN B 350 -34.98 15.83 26.48
CA GLN B 350 -35.14 14.72 25.57
C GLN B 350 -33.81 14.01 25.35
N ALA B 351 -32.73 14.80 25.29
CA ALA B 351 -31.40 14.22 25.09
C ALA B 351 -31.14 13.17 26.15
N MET B 352 -31.34 13.54 27.41
CA MET B 352 -31.14 12.63 28.53
C MET B 352 -31.96 11.36 28.34
N PHE B 353 -33.26 11.54 28.17
CA PHE B 353 -34.20 10.43 27.98
C PHE B 353 -33.81 9.50 26.83
N TRP B 354 -33.63 10.08 25.64
CA TRP B 354 -33.29 9.27 24.48
C TRP B 354 -31.93 8.60 24.59
N PHE B 355 -31.00 9.22 25.30
CA PHE B 355 -29.67 8.65 25.47
C PHE B 355 -29.72 7.40 26.33
N VAL B 356 -30.34 7.49 27.50
CA VAL B 356 -30.42 6.33 28.38
C VAL B 356 -31.36 5.24 27.87
N MET B 357 -32.43 5.63 27.21
CA MET B 357 -33.37 4.65 26.68
C MET B 357 -32.69 3.83 25.59
N GLY B 358 -31.89 4.51 24.77
CA GLY B 358 -31.15 3.85 23.71
C GLY B 358 -31.93 3.04 22.69
N TYR B 359 -33.05 3.58 22.21
CA TYR B 359 -33.86 2.88 21.21
C TYR B 359 -33.17 2.80 19.86
N THR B 360 -33.01 1.58 19.35
CA THR B 360 -32.38 1.36 18.06
C THR B 360 -32.69 -0.06 17.63
N ALA B 361 -31.77 -0.71 16.93
CA ALA B 361 -31.97 -2.09 16.50
C ALA B 361 -30.64 -2.75 16.18
N ASN B 362 -30.50 -4.00 16.60
CA ASN B 362 -29.31 -4.80 16.38
C ASN B 362 -29.36 -5.47 15.02
N VAL B 363 -28.23 -5.46 14.31
CA VAL B 363 -28.18 -6.11 13.00
C VAL B 363 -27.70 -7.55 13.21
N PRO B 364 -27.98 -8.43 12.23
CA PRO B 364 -27.58 -9.84 12.26
C PRO B 364 -26.08 -10.10 12.31
N THR B 373 -33.81 -10.59 10.45
CA THR B 373 -34.47 -9.12 10.12
C THR B 373 -34.36 -8.08 11.33
N ALA B 374 -33.60 -7.00 11.12
CA ALA B 374 -33.31 -6.01 12.17
C ALA B 374 -34.21 -6.12 13.39
N ARG B 375 -33.63 -6.50 14.53
CA ARG B 375 -34.41 -6.65 15.76
C ARG B 375 -34.38 -5.40 16.64
N PRO B 376 -35.56 -4.82 16.89
CA PRO B 376 -35.68 -3.62 17.72
C PRO B 376 -35.10 -3.91 19.09
N ILE B 377 -34.50 -2.90 19.71
CA ILE B 377 -33.91 -3.09 21.02
C ILE B 377 -33.67 -1.76 21.70
N PHE B 378 -33.64 -1.78 23.03
CA PHE B 378 -33.36 -0.58 23.79
C PHE B 378 -32.02 -0.88 24.44
N SER B 379 -30.98 -0.19 23.98
CA SER B 379 -29.63 -0.41 24.47
C SER B 379 -29.08 0.85 25.12
N SER B 380 -29.04 0.84 26.45
CA SER B 380 -28.56 2.00 27.21
C SER B 380 -27.38 2.72 26.59
N CYS B 381 -27.52 4.03 26.45
CA CYS B 381 -26.47 4.89 25.90
C CYS B 381 -25.94 4.40 24.56
N PHE B 382 -26.73 3.59 23.87
CA PHE B 382 -26.32 3.04 22.58
C PHE B 382 -25.01 2.26 22.69
N GLY B 383 -24.85 1.56 23.80
CA GLY B 383 -23.65 0.75 24.03
C GLY B 383 -23.89 -0.19 25.19
N GLY B 384 -25.15 -0.60 25.35
CA GLY B 384 -25.52 -1.48 26.45
C GLY B 384 -24.65 -2.69 26.76
N PRO B 385 -24.17 -3.43 25.75
CA PRO B 385 -23.33 -4.60 26.00
C PRO B 385 -21.97 -4.33 26.62
N PHE B 386 -21.56 -3.05 26.63
CA PHE B 386 -20.24 -2.70 27.13
C PHE B 386 -20.23 -1.81 28.37
N LEU B 387 -21.39 -1.30 28.75
CA LEU B 387 -21.47 -0.44 29.92
C LEU B 387 -21.17 -1.20 31.20
N VAL B 388 -20.56 -0.52 32.16
CA VAL B 388 -20.25 -1.13 33.45
C VAL B 388 -21.18 -0.53 34.50
N ARG B 389 -21.27 0.81 34.51
CA ARG B 389 -22.13 1.52 35.45
C ARG B 389 -23.54 1.55 34.87
N HIS B 390 -24.49 2.03 35.67
CA HIS B 390 -25.89 2.12 35.22
C HIS B 390 -26.01 3.20 34.15
N ALA B 391 -26.98 3.03 33.26
CA ALA B 391 -27.21 3.97 32.18
C ALA B 391 -27.31 5.41 32.68
N THR B 392 -27.98 5.60 33.82
CA THR B 392 -28.16 6.93 34.38
C THR B 392 -26.86 7.63 34.74
N PHE B 393 -25.86 6.85 35.16
CA PHE B 393 -24.56 7.44 35.51
C PHE B 393 -23.99 8.17 34.30
N TYR B 394 -23.96 7.48 33.15
CA TYR B 394 -23.43 8.08 31.93
C TYR B 394 -24.34 9.19 31.41
N GLY B 395 -25.64 9.01 31.59
CA GLY B 395 -26.59 10.02 31.14
C GLY B 395 -26.32 11.34 31.84
N GLU B 396 -26.08 11.29 33.15
CA GLU B 396 -25.79 12.49 33.92
C GLU B 396 -24.48 13.13 33.47
N GLN B 397 -23.50 12.30 33.13
CA GLN B 397 -22.22 12.82 32.66
C GLN B 397 -22.40 13.60 31.37
N LEU B 398 -23.12 12.99 30.43
CA LEU B 398 -23.37 13.62 29.13
C LEU B 398 -24.13 14.93 29.29
N ALA B 399 -25.15 14.91 30.13
CA ALA B 399 -25.97 16.10 30.36
C ALA B 399 -25.06 17.24 30.80
N GLU B 400 -24.21 16.96 31.78
CA GLU B 400 -23.28 17.96 32.30
C GLU B 400 -22.32 18.44 31.22
N LYS B 401 -21.76 17.49 30.48
CA LYS B 401 -20.81 17.82 29.41
C LYS B 401 -21.44 18.72 28.33
N MET B 402 -22.59 18.30 27.81
CA MET B 402 -23.26 19.06 26.75
C MET B 402 -23.71 20.43 27.23
N GLN B 403 -24.17 20.52 28.47
CA GLN B 403 -24.62 21.80 29.02
C GLN B 403 -23.44 22.76 29.09
N LYS B 404 -22.32 22.28 29.63
CA LYS B 404 -21.13 23.09 29.77
C LYS B 404 -20.54 23.55 28.44
N HIS B 405 -20.63 22.69 27.42
CA HIS B 405 -20.07 23.01 26.12
C HIS B 405 -21.10 23.39 25.06
N ASN B 406 -22.34 23.61 25.48
CA ASN B 406 -23.41 24.01 24.58
C ASN B 406 -23.51 23.15 23.32
N SER B 407 -23.47 21.83 23.51
CA SER B 407 -23.55 20.91 22.39
C SER B 407 -24.99 20.81 21.89
N ARG B 408 -25.15 20.66 20.59
CA ARG B 408 -26.47 20.51 19.97
C ARG B 408 -26.70 19.01 19.83
N VAL B 409 -27.86 18.53 20.29
CA VAL B 409 -28.16 17.11 20.23
C VAL B 409 -29.19 16.77 19.15
N TRP B 410 -28.91 15.73 18.37
CA TRP B 410 -29.80 15.31 17.29
C TRP B 410 -30.08 13.81 17.31
N LEU B 411 -31.27 13.45 16.86
CA LEU B 411 -31.67 12.05 16.77
C LEU B 411 -31.85 11.75 15.29
N LEU B 412 -31.08 10.80 14.78
CA LEU B 412 -31.17 10.45 13.36
C LEU B 412 -31.63 9.02 13.16
N ASN B 413 -32.67 8.84 12.36
CA ASN B 413 -33.18 7.51 12.06
C ASN B 413 -32.38 6.92 10.89
N THR B 414 -31.60 5.88 11.17
CA THR B 414 -30.80 5.24 10.14
C THR B 414 -31.43 3.90 9.76
N GLY B 415 -32.65 3.69 10.23
CA GLY B 415 -33.35 2.45 9.94
C GLY B 415 -34.25 2.48 8.71
N TYR B 416 -35.55 2.42 8.94
CA TYR B 416 -36.52 2.39 7.85
C TYR B 416 -37.48 3.57 7.80
N ALA B 417 -38.16 3.71 6.66
CA ALA B 417 -39.12 4.78 6.45
C ALA B 417 -40.27 4.33 5.54
N GLY B 418 -41.45 4.89 5.77
CA GLY B 418 -42.61 4.55 4.96
C GLY B 418 -43.32 3.28 5.38
N GLY B 419 -42.74 2.54 6.33
CA GLY B 419 -43.35 1.31 6.78
C GLY B 419 -42.45 0.50 7.71
N ARG B 420 -42.86 -0.73 7.99
CA ARG B 420 -42.12 -1.62 8.87
C ARG B 420 -41.13 -2.47 8.08
N ALA B 421 -39.96 -2.70 8.66
CA ALA B 421 -38.94 -3.51 8.00
C ALA B 421 -39.49 -4.92 7.73
N ASP B 422 -40.20 -5.48 8.71
CA ASP B 422 -40.74 -6.82 8.55
C ASP B 422 -41.90 -6.92 7.55
N ARG B 423 -42.31 -5.78 6.98
CA ARG B 423 -43.39 -5.78 6.00
C ARG B 423 -42.86 -5.33 4.64
N GLY B 424 -41.53 -5.33 4.50
CA GLY B 424 -40.92 -4.96 3.23
C GLY B 424 -40.64 -3.49 3.01
N ALA B 425 -40.71 -2.69 4.07
CA ALA B 425 -40.44 -1.26 3.95
C ALA B 425 -39.01 -1.01 3.46
N LYS B 426 -38.80 0.16 2.86
CA LYS B 426 -37.48 0.52 2.35
C LYS B 426 -36.68 1.24 3.43
N ARG B 427 -35.36 1.11 3.39
CA ARG B 427 -34.50 1.74 4.38
C ARG B 427 -34.38 3.24 4.15
N MET B 428 -34.18 3.98 5.24
CA MET B 428 -34.02 5.42 5.14
C MET B 428 -32.85 5.65 4.20
N PRO B 429 -33.07 6.38 3.10
CA PRO B 429 -32.00 6.65 2.13
C PRO B 429 -30.75 7.24 2.77
N LEU B 430 -29.60 6.61 2.54
CA LEU B 430 -28.34 7.08 3.10
C LEU B 430 -28.08 8.52 2.65
N ARG B 431 -28.50 8.83 1.42
CA ARG B 431 -28.32 10.16 0.86
C ARG B 431 -29.05 11.21 1.70
N VAL B 432 -30.22 10.86 2.21
CA VAL B 432 -30.99 11.79 3.03
C VAL B 432 -30.28 12.04 4.36
N THR B 433 -29.79 10.97 4.99
CA THR B 433 -29.10 11.11 6.27
C THR B 433 -27.85 11.98 6.11
N ARG B 434 -27.09 11.76 5.06
CA ARG B 434 -25.88 12.55 4.82
C ARG B 434 -26.26 14.01 4.58
N ALA B 435 -27.34 14.22 3.85
CA ALA B 435 -27.81 15.58 3.57
C ALA B 435 -28.13 16.28 4.88
N ILE B 436 -28.76 15.53 5.78
CA ILE B 436 -29.13 16.08 7.09
C ILE B 436 -27.87 16.43 7.87
N ILE B 437 -26.88 15.54 7.85
CA ILE B 437 -25.64 15.79 8.56
C ILE B 437 -24.92 17.02 8.00
N ASP B 438 -24.96 17.21 6.69
CA ASP B 438 -24.32 18.38 6.09
C ASP B 438 -25.05 19.63 6.57
N ALA B 439 -26.36 19.51 6.74
CA ALA B 439 -27.19 20.63 7.20
C ALA B 439 -26.90 20.95 8.66
N ILE B 440 -26.53 19.92 9.41
CA ILE B 440 -26.20 20.11 10.83
C ILE B 440 -24.85 20.84 10.87
N HIS B 441 -23.93 20.39 10.02
CA HIS B 441 -22.60 20.98 9.97
C HIS B 441 -22.53 22.34 9.31
N ASP B 442 -23.48 22.66 8.44
CA ASP B 442 -23.47 23.96 7.77
C ASP B 442 -24.15 25.02 8.63
N GLY B 443 -24.80 24.58 9.70
CA GLY B 443 -25.47 25.51 10.59
C GLY B 443 -26.90 25.89 10.19
N THR B 444 -27.33 25.46 9.01
CA THR B 444 -28.68 25.78 8.55
C THR B 444 -29.76 25.05 9.36
N LEU B 445 -29.55 23.76 9.60
CA LEU B 445 -30.53 22.98 10.35
C LEU B 445 -30.82 23.56 11.73
N ASP B 446 -29.80 24.15 12.35
CA ASP B 446 -29.96 24.73 13.67
C ASP B 446 -30.70 26.07 13.65
N ARG B 447 -30.92 26.61 12.45
CA ARG B 447 -31.58 27.90 12.32
C ARG B 447 -32.97 27.83 11.67
N THR B 448 -33.29 26.69 11.06
CA THR B 448 -34.58 26.52 10.40
C THR B 448 -35.73 26.43 11.40
N GLU B 449 -36.95 26.38 10.88
CA GLU B 449 -38.16 26.29 11.70
C GLU B 449 -38.53 24.84 11.97
N TYR B 450 -38.98 24.56 13.19
CA TYR B 450 -39.37 23.21 13.57
C TYR B 450 -40.85 23.07 13.89
N GLU B 451 -41.32 21.82 13.83
CA GLU B 451 -42.69 21.47 14.13
C GLU B 451 -42.67 20.27 15.05
N GLU B 452 -43.71 20.09 15.84
CA GLU B 452 -43.76 18.96 16.76
C GLU B 452 -44.33 17.70 16.13
N TYR B 453 -43.66 16.58 16.38
CA TYR B 453 -44.10 15.27 15.89
C TYR B 453 -44.97 14.73 17.02
N PRO B 454 -46.30 14.82 16.86
CA PRO B 454 -47.34 14.38 17.81
C PRO B 454 -47.05 13.09 18.59
N GLY B 455 -47.43 13.09 19.86
CA GLY B 455 -47.23 11.93 20.71
C GLY B 455 -45.80 11.78 21.18
N TRP B 456 -44.89 11.65 20.22
CA TRP B 456 -43.47 11.52 20.54
C TRP B 456 -42.95 12.82 21.13
N GLY B 457 -43.51 13.94 20.68
CA GLY B 457 -43.09 15.23 21.18
C GLY B 457 -41.76 15.70 20.61
N LEU B 458 -41.26 14.97 19.62
CA LEU B 458 -39.99 15.33 19.00
C LEU B 458 -40.14 16.55 18.12
N HIS B 459 -39.09 17.36 18.05
CA HIS B 459 -39.11 18.56 17.23
C HIS B 459 -38.42 18.29 15.91
N ILE B 460 -39.21 18.23 14.84
CA ILE B 460 -38.68 17.97 13.52
C ILE B 460 -38.67 19.23 12.67
N PRO B 461 -37.71 19.33 11.74
CA PRO B 461 -37.62 20.50 10.87
C PRO B 461 -38.68 20.44 9.78
N LYS B 462 -39.23 21.60 9.43
CA LYS B 462 -40.25 21.67 8.38
C LYS B 462 -39.58 21.55 7.02
N TYR B 463 -38.31 21.93 6.97
CA TYR B 463 -37.56 21.88 5.72
C TYR B 463 -36.07 21.63 5.95
N VAL B 464 -35.47 20.90 5.00
CA VAL B 464 -34.04 20.58 5.02
C VAL B 464 -33.59 20.41 3.57
N ALA B 465 -32.57 21.16 3.17
CA ALA B 465 -32.05 21.10 1.82
C ALA B 465 -31.74 19.67 1.37
N LYS B 466 -32.23 19.32 0.20
CA LYS B 466 -32.00 18.00 -0.40
C LYS B 466 -32.85 16.88 0.20
N VAL B 467 -33.69 17.20 1.19
CA VAL B 467 -34.52 16.18 1.82
C VAL B 467 -36.02 16.37 1.60
N PRO B 468 -36.70 15.32 1.10
CA PRO B 468 -38.14 15.34 0.83
C PRO B 468 -38.99 15.60 2.07
N GLU B 469 -39.96 16.51 1.94
CA GLU B 469 -40.82 16.85 3.06
C GLU B 469 -41.59 15.66 3.61
N HIS B 470 -42.06 14.77 2.74
CA HIS B 470 -42.83 13.62 3.19
C HIS B 470 -41.99 12.68 4.05
N LEU B 471 -40.68 12.88 4.05
CA LEU B 471 -39.78 12.06 4.84
C LEU B 471 -39.59 12.68 6.22
N LEU B 472 -39.43 14.00 6.27
CA LEU B 472 -39.23 14.71 7.53
C LEU B 472 -40.25 14.33 8.58
N ASN B 473 -41.50 14.19 8.17
CA ASN B 473 -42.56 13.78 9.08
C ASN B 473 -42.96 12.36 8.67
N PRO B 474 -42.46 11.34 9.40
CA PRO B 474 -42.72 9.92 9.14
C PRO B 474 -44.16 9.61 8.72
N ARG B 475 -45.11 10.29 9.37
CA ARG B 475 -46.52 10.09 9.08
C ARG B 475 -46.81 10.21 7.58
N LYS B 476 -46.19 11.19 6.93
CA LYS B 476 -46.39 11.44 5.52
C LYS B 476 -45.81 10.37 4.59
N ALA B 477 -44.84 9.61 5.09
CA ALA B 477 -44.21 8.57 4.28
C ALA B 477 -45.01 7.29 4.19
N TRP B 478 -45.92 7.07 5.13
CA TRP B 478 -46.73 5.86 5.15
C TRP B 478 -47.96 5.97 4.25
N LYS B 479 -48.16 4.94 3.42
CA LYS B 479 -49.30 4.91 2.51
C LYS B 479 -50.61 4.76 3.29
N ASP B 480 -50.64 3.79 4.21
CA ASP B 480 -51.83 3.54 5.02
C ASP B 480 -51.68 4.20 6.39
N VAL B 481 -52.43 5.27 6.61
CA VAL B 481 -52.36 5.99 7.88
C VAL B 481 -52.79 5.08 9.04
N ARG B 482 -53.66 4.13 8.74
CA ARG B 482 -54.15 3.20 9.76
C ARG B 482 -52.99 2.34 10.27
N GLN B 483 -52.16 1.85 9.37
CA GLN B 483 -51.02 1.03 9.76
C GLN B 483 -50.00 1.88 10.52
N PHE B 484 -49.88 3.14 10.14
CA PHE B 484 -48.96 4.04 10.82
C PHE B 484 -49.35 4.22 12.29
N ASN B 485 -50.63 4.46 12.54
CA ASN B 485 -51.11 4.63 13.92
C ASN B 485 -50.93 3.35 14.73
N GLU B 486 -51.20 2.21 14.11
CA GLU B 486 -51.08 0.91 14.76
C GLU B 486 -49.63 0.63 15.18
N THR B 487 -48.70 0.89 14.26
CA THR B 487 -47.29 0.68 14.53
C THR B 487 -46.78 1.68 15.56
N SER B 488 -47.21 2.93 15.44
CA SER B 488 -46.79 3.97 16.36
C SER B 488 -47.27 3.64 17.76
N LYS B 489 -48.51 3.17 17.86
CA LYS B 489 -49.08 2.81 19.15
C LYS B 489 -48.26 1.69 19.77
N GLU B 490 -47.90 0.71 18.94
CA GLU B 490 -47.12 -0.42 19.40
C GLU B 490 -45.76 0.02 19.93
N LEU B 491 -45.06 0.86 19.17
CA LEU B 491 -43.74 1.32 19.60
C LEU B 491 -43.80 2.18 20.84
N VAL B 492 -44.81 3.06 20.92
CA VAL B 492 -44.94 3.92 22.09
C VAL B 492 -45.10 3.03 23.32
N ALA B 493 -45.92 1.99 23.19
CA ALA B 493 -46.15 1.06 24.28
C ALA B 493 -44.82 0.43 24.70
N MET B 494 -43.98 0.12 23.72
CA MET B 494 -42.68 -0.50 23.99
C MET B 494 -41.81 0.48 24.78
N PHE B 495 -41.83 1.74 24.39
CA PHE B 495 -41.07 2.76 25.10
C PHE B 495 -41.56 2.86 26.54
N GLN B 496 -42.88 2.90 26.73
CA GLN B 496 -43.43 3.02 28.08
C GLN B 496 -43.05 1.86 28.98
N GLU B 497 -43.12 0.64 28.44
CA GLU B 497 -42.77 -0.54 29.22
C GLU B 497 -41.28 -0.53 29.58
N SER B 498 -40.44 -0.21 28.60
CA SER B 498 -39.00 -0.17 28.82
C SER B 498 -38.69 0.82 29.94
N PHE B 499 -39.27 2.02 29.82
CA PHE B 499 -39.06 3.07 30.80
C PHE B 499 -39.56 2.67 32.20
N SER B 500 -40.76 2.09 32.26
CA SER B 500 -41.33 1.67 33.54
C SER B 500 -40.46 0.63 34.23
N ALA B 501 -39.87 -0.25 33.44
CA ALA B 501 -39.03 -1.31 33.98
C ALA B 501 -37.64 -0.80 34.35
N ARG B 502 -37.09 0.06 33.52
CA ARG B 502 -35.74 0.56 33.71
C ARG B 502 -35.47 1.85 34.48
N PHE B 503 -36.32 2.86 34.33
CA PHE B 503 -36.04 4.14 35.00
C PHE B 503 -37.12 4.80 35.86
N ALA B 504 -38.37 4.42 35.65
CA ALA B 504 -39.48 5.02 36.40
C ALA B 504 -39.23 5.28 37.88
N ALA B 505 -38.97 4.21 38.64
CA ALA B 505 -38.74 4.30 40.08
C ALA B 505 -37.87 5.47 40.53
N LYS B 506 -36.77 5.74 39.84
CA LYS B 506 -35.89 6.82 40.23
C LYS B 506 -35.87 7.99 39.25
N ALA B 507 -36.74 7.95 38.26
CA ALA B 507 -36.79 9.00 37.24
C ALA B 507 -37.16 10.38 37.78
N SER B 508 -36.57 11.41 37.19
CA SER B 508 -36.83 12.79 37.59
C SER B 508 -38.07 13.29 36.86
N GLN B 509 -38.49 14.51 37.19
CA GLN B 509 -39.66 15.11 36.58
C GLN B 509 -39.51 15.25 35.06
N GLU B 510 -38.38 15.79 34.63
CA GLU B 510 -38.12 15.97 33.21
C GLU B 510 -38.13 14.64 32.46
N MET B 511 -37.58 13.60 33.08
CA MET B 511 -37.53 12.29 32.45
C MET B 511 -38.92 11.74 32.17
N LYS B 512 -39.76 11.71 33.20
CA LYS B 512 -41.11 11.21 33.06
C LYS B 512 -41.88 11.96 31.97
N SER B 513 -41.68 13.27 31.90
CA SER B 513 -42.37 14.09 30.90
C SER B 513 -41.86 13.86 29.49
N ALA B 514 -40.68 13.23 29.37
CA ALA B 514 -40.10 12.95 28.06
C ALA B 514 -40.60 11.62 27.49
N VAL B 515 -41.28 10.83 28.31
CA VAL B 515 -41.79 9.54 27.86
C VAL B 515 -42.86 9.83 26.82
N PRO B 516 -42.71 9.27 25.61
CA PRO B 516 -43.70 9.50 24.54
C PRO B 516 -45.09 8.98 24.87
N ARG B 517 -46.08 9.55 24.21
CA ARG B 517 -47.46 9.15 24.39
C ARG B 517 -48.04 8.88 23.01
N TYR B 518 -49.10 8.08 22.95
CA TYR B 518 -49.71 7.77 21.67
C TYR B 518 -50.82 8.73 21.29
N VAL B 519 -50.63 9.40 20.15
CA VAL B 519 -51.62 10.34 19.64
C VAL B 519 -52.06 9.84 18.27
N GLU B 520 -53.23 9.20 18.23
CA GLU B 520 -53.75 8.69 16.96
C GLU B 520 -53.93 9.84 15.98
N PHE B 521 -53.37 9.70 14.79
CA PHE B 521 -53.46 10.76 13.79
C PHE B 521 -54.85 10.90 13.17
N ALA B 522 -55.49 12.05 13.44
CA ALA B 522 -56.82 12.37 12.93
C ALA B 522 -56.56 13.06 11.60
#